data_4X3N
#
_entry.id   4X3N
#
_cell.length_a   78.161
_cell.length_b   85.244
_cell.length_c   135.744
_cell.angle_alpha   90.00
_cell.angle_beta   90.00
_cell.angle_gamma   90.00
#
_symmetry.space_group_name_H-M   'P 21 21 21'
#
loop_
_entity.id
_entity.type
_entity.pdbx_description
1 polymer 'Calcium-regulated actin-bundling protein'
2 non-polymer 'CALCIUM ION'
3 non-polymer 'CITRIC ACID'
4 water water
#
_entity_poly.entity_id   1
_entity_poly.type   'polypeptide(L)'
_entity_poly.pdbx_seq_one_letter_code
;MAETKVAPNLTGIEQTKAGQSFTEKLSAEAMEFFCNVAKLPFSQQAVHFLNAYWAEVSKEAEFIYSVGWETIKYADMHCK
GIQLVFKYDEGNDLDFDIALYFYEQLCKFCEDPKNKNYATTYPISQPQMLTALKRKQELREKVDVNFDGRVSFLEYLLYQ
YKDFANPADFCTRSMNHDEHPEIKKARLALEEVNKRIRAYEEEKARLTEESKIPGVKGLGATNMLAQIDSGPLKEQLNFA
LISAEAAVRTASKKYGGAAYSGGAGDAGAGSSAGAIWWMNRDLEEKKKRYGPQKK
;
_entity_poly.pdbx_strand_id   A,B,C
#
# COMPACT_ATOMS: atom_id res chain seq x y z
N GLU A 24 -6.73 -27.17 8.15
CA GLU A 24 -6.01 -27.90 7.06
C GLU A 24 -5.29 -26.79 6.29
N LYS A 25 -3.99 -26.74 6.46
CA LYS A 25 -3.11 -25.98 5.59
C LYS A 25 -3.27 -26.45 4.14
N LEU A 26 -3.18 -25.56 3.16
CA LEU A 26 -3.29 -25.92 1.76
C LEU A 26 -1.96 -26.34 1.17
N SER A 27 -1.96 -27.29 0.25
CA SER A 27 -0.82 -27.57 -0.61
C SER A 27 -0.43 -26.30 -1.38
N ALA A 28 0.78 -26.28 -1.90
CA ALA A 28 1.19 -25.17 -2.74
C ALA A 28 0.27 -25.01 -3.95
N GLU A 29 -0.17 -26.13 -4.49
CA GLU A 29 -0.97 -26.09 -5.67
C GLU A 29 -2.35 -25.50 -5.36
N ALA A 30 -2.91 -25.87 -4.21
CA ALA A 30 -4.22 -25.39 -3.82
C ALA A 30 -4.11 -23.89 -3.44
N MET A 31 -3.03 -23.52 -2.74
CA MET A 31 -2.81 -22.13 -2.38
C MET A 31 -2.72 -21.28 -3.62
N GLU A 32 -2.11 -21.77 -4.68
CA GLU A 32 -1.88 -20.93 -5.84
C GLU A 32 -3.23 -20.69 -6.46
N PHE A 33 -4.00 -21.78 -6.57
CA PHE A 33 -5.40 -21.68 -7.05
C PHE A 33 -6.18 -20.65 -6.26
N PHE A 34 -6.15 -20.83 -4.94
CA PHE A 34 -6.89 -19.97 -4.03
C PHE A 34 -6.48 -18.53 -4.22
N CYS A 35 -5.20 -18.27 -4.26
CA CYS A 35 -4.72 -16.90 -4.42
C CYS A 35 -5.21 -16.30 -5.72
N ASN A 36 -5.24 -17.10 -6.79
CA ASN A 36 -5.76 -16.59 -8.06
C ASN A 36 -7.20 -16.24 -8.06
N VAL A 37 -8.03 -17.15 -7.55
CA VAL A 37 -9.44 -16.86 -7.41
C VAL A 37 -9.61 -15.60 -6.55
N ALA A 38 -8.89 -15.50 -5.44
CA ALA A 38 -9.05 -14.39 -4.54
C ALA A 38 -8.59 -13.01 -5.12
N LYS A 39 -7.85 -13.01 -6.22
CA LYS A 39 -7.51 -11.77 -6.93
C LYS A 39 -8.46 -11.45 -8.06
N LEU A 40 -9.43 -12.30 -8.33
CA LEU A 40 -10.44 -12.03 -9.35
C LEU A 40 -11.36 -10.99 -8.79
N PRO A 41 -12.09 -10.26 -9.66
CA PRO A 41 -13.11 -9.35 -9.16
C PRO A 41 -14.04 -10.05 -8.16
N PHE A 42 -14.56 -9.30 -7.21
CA PHE A 42 -15.37 -9.87 -6.14
C PHE A 42 -16.49 -10.79 -6.70
N SER A 43 -17.16 -10.39 -7.78
CA SER A 43 -18.32 -11.09 -8.32
C SER A 43 -17.90 -12.48 -8.80
N GLN A 44 -16.72 -12.58 -9.40
CA GLN A 44 -16.22 -13.84 -9.81
C GLN A 44 -15.78 -14.73 -8.66
N GLN A 45 -15.29 -14.12 -7.62
CA GLN A 45 -14.98 -14.86 -6.38
C GLN A 45 -16.28 -15.47 -5.85
N ALA A 46 -17.30 -14.64 -5.82
CA ALA A 46 -18.65 -15.02 -5.40
C ALA A 46 -19.20 -16.20 -6.19
N VAL A 47 -19.08 -16.12 -7.51
CA VAL A 47 -19.50 -17.21 -8.29
C VAL A 47 -18.67 -18.48 -8.11
N HIS A 48 -17.36 -18.38 -7.90
CA HIS A 48 -16.59 -19.54 -7.58
C HIS A 48 -17.15 -20.17 -6.31
N PHE A 49 -17.35 -19.33 -5.32
CA PHE A 49 -17.89 -19.85 -4.03
C PHE A 49 -19.25 -20.55 -4.19
N LEU A 50 -20.19 -19.85 -4.87
CA LEU A 50 -21.52 -20.34 -5.07
C LEU A 50 -21.54 -21.62 -5.89
N ASN A 51 -20.82 -21.68 -7.01
CA ASN A 51 -20.71 -22.94 -7.73
C ASN A 51 -20.24 -24.10 -6.88
N ALA A 52 -19.28 -23.87 -6.00
CA ALA A 52 -18.69 -24.94 -5.24
C ALA A 52 -19.67 -25.42 -4.14
N TYR A 53 -20.41 -24.50 -3.57
CA TYR A 53 -21.19 -24.83 -2.41
C TYR A 53 -22.70 -24.70 -2.68
N TRP A 54 -23.10 -24.77 -3.94
CA TRP A 54 -24.51 -24.51 -4.27
C TRP A 54 -25.47 -25.43 -3.46
N ALA A 55 -25.09 -26.68 -3.23
CA ALA A 55 -26.00 -27.64 -2.60
C ALA A 55 -26.26 -27.16 -1.21
N GLU A 56 -25.26 -26.57 -0.59
CA GLU A 56 -25.36 -26.13 0.78
C GLU A 56 -25.79 -24.72 0.99
N VAL A 57 -25.53 -23.84 0.01
CA VAL A 57 -25.63 -22.38 0.31
C VAL A 57 -26.61 -21.62 -0.55
N SER A 58 -27.26 -22.32 -1.48
CA SER A 58 -28.09 -21.67 -2.50
C SER A 58 -29.12 -20.70 -1.92
N LYS A 59 -29.64 -21.02 -0.74
CA LYS A 59 -30.68 -20.15 -0.17
C LYS A 59 -30.16 -18.85 0.41
N GLU A 60 -28.84 -18.74 0.59
CA GLU A 60 -28.22 -17.47 1.00
C GLU A 60 -27.76 -16.67 -0.18
N ALA A 61 -27.89 -17.24 -1.36
CA ALA A 61 -27.40 -16.52 -2.53
C ALA A 61 -27.88 -15.10 -2.57
N GLU A 62 -29.14 -14.88 -2.33
CA GLU A 62 -29.69 -13.55 -2.36
C GLU A 62 -29.01 -12.58 -1.38
N PHE A 63 -28.69 -13.06 -0.19
CA PHE A 63 -27.99 -12.22 0.73
C PHE A 63 -26.57 -11.94 0.24
N ILE A 64 -25.96 -12.94 -0.32
CA ILE A 64 -24.57 -12.82 -0.76
C ILE A 64 -24.51 -11.74 -1.80
N TYR A 65 -25.52 -11.76 -2.67
CA TYR A 65 -25.63 -10.82 -3.78
C TYR A 65 -26.01 -9.43 -3.39
N SER A 66 -27.07 -9.33 -2.59
CA SER A 66 -27.67 -8.04 -2.28
C SER A 66 -26.98 -7.31 -1.13
N VAL A 67 -26.44 -8.05 -0.19
CA VAL A 67 -25.87 -7.49 1.01
C VAL A 67 -24.38 -7.70 1.11
N GLY A 68 -23.91 -8.94 0.96
CA GLY A 68 -22.46 -9.20 1.05
C GLY A 68 -21.67 -8.47 -0.02
N TRP A 69 -22.05 -8.71 -1.27
CA TRP A 69 -21.37 -8.07 -2.39
C TRP A 69 -21.44 -6.56 -2.38
N GLU A 70 -22.64 -6.02 -2.17
CA GLU A 70 -22.83 -4.58 -2.19
C GLU A 70 -21.98 -3.95 -1.17
N THR A 71 -21.91 -4.57 0.00
CA THR A 71 -21.20 -3.92 1.07
C THR A 71 -19.68 -3.92 0.83
N ILE A 72 -19.12 -4.97 0.23
CA ILE A 72 -17.68 -5.05 0.06
C ILE A 72 -17.32 -4.11 -1.04
N LYS A 73 -18.18 -4.01 -2.02
CA LYS A 73 -18.00 -3.05 -3.06
C LYS A 73 -17.99 -1.63 -2.56
N TYR A 74 -18.94 -1.28 -1.70
CA TYR A 74 -18.94 0.08 -1.18
C TYR A 74 -17.69 0.38 -0.35
N ALA A 75 -17.22 -0.60 0.41
CA ALA A 75 -16.00 -0.41 1.23
C ALA A 75 -14.79 -0.19 0.36
N ASP A 76 -14.69 -0.95 -0.73
CA ASP A 76 -13.65 -0.79 -1.73
C ASP A 76 -13.71 0.55 -2.46
N MET A 77 -14.91 0.94 -2.89
CA MET A 77 -15.12 2.27 -3.51
C MET A 77 -14.59 3.42 -2.66
N HIS A 78 -14.92 3.41 -1.38
CA HIS A 78 -14.44 4.44 -0.53
C HIS A 78 -12.92 4.43 -0.45
N CYS A 79 -12.33 3.24 -0.38
CA CYS A 79 -10.94 3.10 -0.24
C CYS A 79 -10.38 3.79 -1.42
N LYS A 80 -10.97 3.60 -2.60
CA LYS A 80 -10.42 4.12 -3.83
C LYS A 80 -10.90 5.53 -4.15
N GLY A 81 -11.58 6.19 -3.22
CA GLY A 81 -12.19 7.47 -3.46
C GLY A 81 -13.11 7.54 -4.65
N ILE A 82 -13.95 6.49 -4.87
CA ILE A 82 -14.99 6.51 -5.89
C ILE A 82 -16.36 6.64 -5.19
N GLN A 83 -17.20 7.55 -5.65
CA GLN A 83 -18.52 7.77 -5.08
C GLN A 83 -19.64 7.13 -5.92
N LEU A 84 -19.48 7.05 -7.23
CA LEU A 84 -20.57 6.67 -8.09
C LEU A 84 -20.32 5.26 -8.64
N VAL A 85 -21.33 4.40 -8.50
CA VAL A 85 -21.15 2.99 -8.90
C VAL A 85 -20.74 2.79 -10.34
N PHE A 86 -21.20 3.66 -11.24
CA PHE A 86 -20.92 3.52 -12.66
C PHE A 86 -19.54 3.93 -13.05
N LYS A 87 -18.76 4.41 -12.09
CA LYS A 87 -17.35 4.74 -12.34
C LYS A 87 -16.45 3.76 -11.56
N TYR A 88 -17.02 2.69 -11.04
CA TYR A 88 -16.23 1.83 -10.19
C TYR A 88 -15.78 0.62 -10.95
N ASP A 89 -14.48 0.33 -11.03
CA ASP A 89 -14.01 -0.91 -11.62
C ASP A 89 -13.86 -1.88 -10.42
N GLU A 90 -14.55 -2.99 -10.50
CA GLU A 90 -14.73 -3.88 -9.37
C GLU A 90 -13.39 -4.36 -8.80
N GLY A 91 -13.25 -4.34 -7.47
CA GLY A 91 -12.02 -4.74 -6.79
C GLY A 91 -11.92 -6.20 -6.41
N ASN A 92 -10.99 -6.57 -5.53
CA ASN A 92 -10.74 -7.95 -5.16
C ASN A 92 -10.49 -8.18 -3.69
N ASP A 93 -9.76 -7.30 -3.04
CA ASP A 93 -9.53 -7.50 -1.60
C ASP A 93 -9.29 -6.16 -0.85
N LEU A 94 -9.35 -6.24 0.47
CA LEU A 94 -9.29 -5.11 1.35
C LEU A 94 -8.14 -5.29 2.38
N ASP A 95 -7.46 -4.18 2.73
CA ASP A 95 -6.52 -4.26 3.83
C ASP A 95 -7.34 -4.41 5.12
N PHE A 96 -6.69 -4.61 6.23
CA PHE A 96 -7.42 -4.87 7.47
C PHE A 96 -8.24 -3.66 8.00
N ASP A 97 -7.78 -2.44 7.74
CA ASP A 97 -8.54 -1.30 8.20
C ASP A 97 -9.82 -1.17 7.36
N ILE A 98 -9.67 -1.29 6.03
CA ILE A 98 -10.83 -1.24 5.20
C ILE A 98 -11.81 -2.45 5.44
N ALA A 99 -11.28 -3.65 5.65
CA ALA A 99 -12.07 -4.81 6.06
C ALA A 99 -12.89 -4.56 7.28
N LEU A 100 -12.27 -3.96 8.26
CA LEU A 100 -12.98 -3.51 9.43
C LEU A 100 -14.19 -2.64 9.12
N TYR A 101 -14.07 -1.66 8.25
CA TYR A 101 -15.20 -0.85 7.87
C TYR A 101 -16.25 -1.72 7.14
N PHE A 102 -15.80 -2.68 6.33
CA PHE A 102 -16.70 -3.63 5.68
C PHE A 102 -17.52 -4.38 6.69
N TYR A 103 -16.91 -5.01 7.64
CA TYR A 103 -17.65 -5.83 8.56
C TYR A 103 -18.57 -4.98 9.44
N GLU A 104 -18.09 -3.79 9.81
CA GLU A 104 -18.92 -2.87 10.58
C GLU A 104 -20.13 -2.42 9.84
N GLN A 105 -19.99 -2.12 8.57
CA GLN A 105 -21.12 -1.77 7.75
C GLN A 105 -22.09 -2.95 7.60
N LEU A 106 -21.60 -4.19 7.48
CA LEU A 106 -22.45 -5.35 7.41
C LEU A 106 -23.34 -5.49 8.63
N CYS A 107 -22.74 -5.30 9.78
CA CYS A 107 -23.43 -5.43 11.04
C CYS A 107 -24.45 -4.32 11.17
N LYS A 108 -24.10 -3.13 10.72
CA LYS A 108 -25.04 -2.01 10.86
C LYS A 108 -26.25 -2.25 9.97
N PHE A 109 -25.99 -2.71 8.75
CA PHE A 109 -27.05 -2.99 7.81
C PHE A 109 -28.02 -4.02 8.39
N CYS A 110 -27.48 -5.13 8.85
CA CYS A 110 -28.29 -6.25 9.37
C CYS A 110 -29.00 -5.97 10.69
N GLU A 111 -28.49 -4.98 11.43
CA GLU A 111 -29.06 -4.56 12.74
C GLU A 111 -30.15 -3.53 12.60
N ASP A 112 -30.18 -2.84 11.47
CA ASP A 112 -31.20 -1.89 11.16
C ASP A 112 -32.58 -2.59 10.94
N PRO A 113 -33.61 -2.23 11.75
CA PRO A 113 -34.94 -2.86 11.59
C PRO A 113 -35.59 -2.70 10.23
N LYS A 114 -35.30 -1.62 9.54
CA LYS A 114 -35.60 -1.53 8.13
C LYS A 114 -35.17 -2.79 7.32
N ASN A 115 -34.23 -3.62 7.81
CA ASN A 115 -33.77 -4.81 7.09
C ASN A 115 -33.98 -6.08 7.88
N LYS A 116 -34.94 -6.06 8.79
CA LYS A 116 -35.16 -7.24 9.58
C LYS A 116 -35.55 -8.48 8.74
N ASN A 117 -36.02 -8.24 7.52
CA ASN A 117 -36.30 -9.31 6.57
C ASN A 117 -35.05 -10.12 6.27
N TYR A 118 -34.03 -9.41 5.81
CA TYR A 118 -32.72 -10.04 5.63
C TYR A 118 -32.26 -10.80 6.87
N ALA A 119 -32.49 -10.27 8.06
CA ALA A 119 -31.95 -10.90 9.27
C ALA A 119 -32.69 -12.17 9.70
N THR A 120 -34.00 -12.16 9.56
CA THR A 120 -34.82 -13.33 9.86
C THR A 120 -34.75 -14.36 8.71
N THR A 121 -34.68 -13.89 7.47
CA THR A 121 -34.64 -14.84 6.36
C THR A 121 -33.29 -15.53 6.14
N TYR A 122 -32.18 -14.95 6.60
CA TYR A 122 -30.85 -15.51 6.30
C TYR A 122 -30.00 -15.63 7.57
N PRO A 123 -30.47 -16.43 8.56
CA PRO A 123 -29.74 -16.43 9.83
C PRO A 123 -28.28 -16.82 9.65
N ILE A 124 -28.01 -17.81 8.81
CA ILE A 124 -26.64 -18.34 8.74
C ILE A 124 -25.69 -17.32 8.05
N SER A 125 -26.25 -16.32 7.37
CA SER A 125 -25.49 -15.27 6.83
C SER A 125 -25.21 -14.12 7.75
N GLN A 126 -25.74 -14.09 8.98
CA GLN A 126 -25.65 -12.89 9.76
C GLN A 126 -24.23 -12.73 10.24
N PRO A 127 -23.67 -11.52 10.15
CA PRO A 127 -22.33 -11.26 10.70
C PRO A 127 -22.37 -11.18 12.23
N GLN A 128 -21.22 -11.03 12.84
CA GLN A 128 -21.11 -10.91 14.29
C GLN A 128 -20.43 -9.61 14.63
N MET A 129 -21.00 -8.90 15.59
CA MET A 129 -20.44 -7.62 15.97
C MET A 129 -19.19 -7.92 16.78
N LEU A 130 -18.15 -7.14 16.60
CA LEU A 130 -16.95 -7.31 17.38
C LEU A 130 -16.28 -5.99 17.56
N THR A 131 -15.57 -5.83 18.68
CA THR A 131 -14.72 -4.63 18.81
C THR A 131 -13.62 -4.64 17.73
N ALA A 132 -13.00 -3.49 17.53
CA ALA A 132 -11.97 -3.33 16.54
C ALA A 132 -10.86 -4.31 16.76
N LEU A 133 -10.48 -4.42 18.02
CA LEU A 133 -9.43 -5.29 18.44
C LEU A 133 -9.74 -6.74 18.11
N LYS A 134 -10.92 -7.21 18.52
CA LYS A 134 -11.33 -8.60 18.29
C LYS A 134 -11.46 -8.89 16.77
N ARG A 135 -12.01 -7.92 16.07
CA ARG A 135 -12.12 -8.02 14.63
C ARG A 135 -10.75 -8.31 14.00
N LYS A 136 -9.74 -7.49 14.26
CA LYS A 136 -8.45 -7.66 13.55
C LYS A 136 -7.79 -8.95 13.92
N GLN A 137 -7.97 -9.35 15.15
CA GLN A 137 -7.53 -10.66 15.62
C GLN A 137 -8.25 -11.82 14.91
N GLU A 138 -9.54 -11.66 14.61
CA GLU A 138 -10.19 -12.71 13.82
C GLU A 138 -9.68 -12.70 12.36
N LEU A 139 -9.44 -11.54 11.81
CA LEU A 139 -8.95 -11.49 10.40
C LEU A 139 -7.66 -12.26 10.29
N ARG A 140 -6.76 -11.97 11.22
CA ARG A 140 -5.43 -12.49 11.33
C ARG A 140 -5.39 -13.98 11.69
N GLU A 141 -6.26 -14.42 12.61
CA GLU A 141 -6.31 -15.80 13.02
C GLU A 141 -7.11 -16.70 12.09
N LYS A 142 -8.17 -16.19 11.50
CA LYS A 142 -9.12 -17.01 10.82
C LYS A 142 -9.40 -16.62 9.40
N VAL A 143 -9.61 -15.34 9.10
CA VAL A 143 -10.15 -14.97 7.80
C VAL A 143 -9.08 -14.92 6.74
N ASP A 144 -7.93 -14.34 7.09
CA ASP A 144 -6.81 -14.18 6.12
C ASP A 144 -5.98 -15.44 5.93
N VAL A 145 -6.55 -16.37 5.16
CA VAL A 145 -5.99 -17.69 5.05
C VAL A 145 -4.76 -17.80 4.16
N ASN A 146 -4.51 -16.85 3.26
CA ASN A 146 -3.24 -16.88 2.56
C ASN A 146 -2.19 -15.95 3.13
N PHE A 147 -2.45 -15.37 4.29
CA PHE A 147 -1.48 -14.53 5.02
C PHE A 147 -0.92 -13.35 4.26
N ASP A 148 -1.81 -12.65 3.53
CA ASP A 148 -1.34 -11.53 2.74
C ASP A 148 -1.72 -10.21 3.34
N GLY A 149 -2.32 -10.22 4.53
CA GLY A 149 -2.86 -9.04 5.19
C GLY A 149 -4.06 -8.41 4.44
N ARG A 150 -4.67 -9.16 3.52
CA ARG A 150 -5.80 -8.70 2.76
C ARG A 150 -7.02 -9.64 2.95
N VAL A 151 -8.21 -9.07 2.89
CA VAL A 151 -9.44 -9.83 2.93
C VAL A 151 -10.18 -9.74 1.58
N SER A 152 -10.31 -10.90 0.94
CA SER A 152 -11.03 -11.05 -0.28
C SER A 152 -12.48 -11.36 0.08
N PHE A 153 -13.37 -11.21 -0.89
CA PHE A 153 -14.76 -11.65 -0.72
C PHE A 153 -14.83 -13.12 -0.52
N LEU A 154 -13.96 -13.86 -1.22
CA LEU A 154 -13.83 -15.30 -1.02
C LEU A 154 -13.54 -15.64 0.44
N GLU A 155 -12.59 -14.96 1.02
CA GLU A 155 -12.18 -15.24 2.40
C GLU A 155 -13.30 -14.90 3.38
N TYR A 156 -13.95 -13.76 3.18
CA TYR A 156 -15.16 -13.42 3.95
C TYR A 156 -16.22 -14.53 3.86
N LEU A 157 -16.47 -15.01 2.65
CA LEU A 157 -17.46 -16.06 2.45
C LEU A 157 -17.19 -17.38 3.11
N LEU A 158 -15.96 -17.83 3.01
CA LEU A 158 -15.59 -19.07 3.59
C LEU A 158 -15.72 -19.07 5.09
N TYR A 159 -15.36 -17.95 5.71
CA TYR A 159 -15.42 -17.83 7.15
C TYR A 159 -16.87 -17.61 7.59
N GLN A 160 -17.64 -16.84 6.85
CA GLN A 160 -19.06 -16.66 7.20
C GLN A 160 -19.81 -17.99 7.21
N TYR A 161 -19.51 -18.85 6.24
CA TYR A 161 -20.26 -20.10 6.02
C TYR A 161 -19.43 -21.24 6.48
N LYS A 162 -18.62 -21.00 7.52
CA LYS A 162 -17.70 -22.00 7.96
C LYS A 162 -18.32 -23.29 8.57
N ASP A 163 -19.60 -23.28 8.94
CA ASP A 163 -20.31 -24.55 9.35
C ASP A 163 -20.19 -25.61 8.26
N PHE A 164 -19.96 -25.24 7.01
CA PHE A 164 -19.71 -26.25 5.98
C PHE A 164 -18.55 -25.96 5.02
N ALA A 165 -18.11 -24.71 4.92
CA ALA A 165 -17.11 -24.28 3.96
C ALA A 165 -15.75 -24.10 4.65
N ASN A 166 -14.66 -24.39 3.91
CA ASN A 166 -13.37 -24.10 4.42
C ASN A 166 -12.40 -24.11 3.28
N PRO A 167 -11.21 -23.57 3.47
CA PRO A 167 -10.41 -23.34 2.25
C PRO A 167 -9.99 -24.61 1.48
N ALA A 168 -9.57 -25.63 2.22
CA ALA A 168 -9.15 -26.85 1.53
C ALA A 168 -10.27 -27.57 0.81
N ASP A 169 -11.41 -27.67 1.47
CA ASP A 169 -12.63 -28.18 0.87
C ASP A 169 -12.99 -27.36 -0.38
N PHE A 170 -13.03 -26.05 -0.24
CA PHE A 170 -13.31 -25.20 -1.35
C PHE A 170 -12.40 -25.51 -2.57
N CYS A 171 -11.09 -25.65 -2.33
CA CYS A 171 -10.16 -25.89 -3.44
C CYS A 171 -10.45 -27.26 -4.11
N THR A 172 -10.76 -28.23 -3.27
CA THR A 172 -11.12 -29.56 -3.77
C THR A 172 -12.32 -29.48 -4.61
N ARG A 173 -13.33 -28.74 -4.17
CA ARG A 173 -14.54 -28.54 -4.92
C ARG A 173 -14.36 -27.72 -6.19
N SER A 174 -13.48 -26.73 -6.15
CA SER A 174 -13.47 -25.74 -7.25
C SER A 174 -12.36 -25.93 -8.27
N MET A 175 -11.25 -26.52 -7.87
CA MET A 175 -10.12 -26.78 -8.78
C MET A 175 -10.50 -27.66 -9.98
N ASN A 176 -9.92 -27.34 -11.14
CA ASN A 176 -10.24 -28.06 -12.39
C ASN A 176 -11.71 -28.08 -12.83
N HIS A 177 -12.43 -27.01 -12.53
CA HIS A 177 -13.77 -26.80 -13.05
C HIS A 177 -13.69 -25.49 -13.75
N ASP A 178 -13.30 -25.55 -15.03
CA ASP A 178 -13.14 -24.35 -15.81
C ASP A 178 -14.49 -23.81 -16.22
N GLU A 179 -14.55 -22.49 -16.31
CA GLU A 179 -15.74 -21.77 -16.71
C GLU A 179 -16.06 -22.26 -18.10
N HIS A 180 -17.28 -22.68 -18.34
CA HIS A 180 -17.66 -23.05 -19.70
C HIS A 180 -17.76 -21.84 -20.58
N PRO A 181 -17.49 -22.02 -21.87
CA PRO A 181 -17.46 -20.86 -22.77
C PRO A 181 -18.80 -20.14 -22.92
N GLU A 182 -19.92 -20.86 -22.82
CA GLU A 182 -21.20 -20.21 -22.96
C GLU A 182 -21.41 -19.29 -21.77
N ILE A 183 -20.90 -19.73 -20.63
CA ILE A 183 -20.99 -18.95 -19.40
C ILE A 183 -20.05 -17.74 -19.49
N LYS A 184 -18.82 -17.93 -19.95
CA LYS A 184 -17.93 -16.82 -20.07
C LYS A 184 -18.54 -15.80 -21.00
N LYS A 185 -19.13 -16.25 -22.08
CA LYS A 185 -19.76 -15.32 -23.04
C LYS A 185 -20.81 -14.48 -22.39
N ALA A 186 -21.65 -15.12 -21.59
CA ALA A 186 -22.72 -14.46 -20.94
C ALA A 186 -22.18 -13.49 -19.87
N ARG A 187 -21.16 -13.90 -19.11
CA ARG A 187 -20.55 -12.98 -18.12
C ARG A 187 -20.01 -11.70 -18.83
N LEU A 188 -19.29 -11.90 -19.90
CA LEU A 188 -18.74 -10.77 -20.64
C LEU A 188 -19.80 -9.94 -21.31
N ALA A 189 -20.89 -10.55 -21.74
CA ALA A 189 -21.98 -9.76 -22.24
C ALA A 189 -22.58 -8.85 -21.13
N LEU A 190 -22.71 -9.42 -19.95
CA LEU A 190 -23.10 -8.61 -18.79
C LEU A 190 -22.08 -7.49 -18.50
N GLU A 191 -20.78 -7.74 -18.63
CA GLU A 191 -19.81 -6.72 -18.38
C GLU A 191 -19.94 -5.63 -19.46
N GLU A 192 -20.27 -6.03 -20.67
CA GLU A 192 -20.50 -5.02 -21.70
C GLU A 192 -21.75 -4.14 -21.34
N VAL A 193 -22.78 -4.66 -20.69
CA VAL A 193 -23.82 -3.80 -20.20
C VAL A 193 -23.24 -2.77 -19.22
N ASN A 194 -22.36 -3.21 -18.29
CA ASN A 194 -21.75 -2.24 -17.40
C ASN A 194 -21.02 -1.16 -18.20
N LYS A 195 -20.29 -1.57 -19.21
CA LYS A 195 -19.58 -0.56 -19.96
C LYS A 195 -20.58 0.42 -20.59
N ARG A 196 -21.69 -0.04 -21.14
CA ARG A 196 -22.66 0.89 -21.75
C ARG A 196 -23.38 1.77 -20.71
N ILE A 197 -23.60 1.23 -19.51
CA ILE A 197 -24.15 1.97 -18.41
C ILE A 197 -23.23 3.09 -18.03
N ARG A 198 -21.93 2.80 -17.89
CA ARG A 198 -20.94 3.90 -17.60
C ARG A 198 -20.98 4.97 -18.69
N ALA A 199 -20.88 4.57 -19.96
CA ALA A 199 -20.92 5.51 -21.07
C ALA A 199 -22.20 6.39 -20.96
N TYR A 200 -23.35 5.78 -20.77
CA TYR A 200 -24.63 6.51 -20.61
C TYR A 200 -24.70 7.45 -19.40
N GLU A 201 -24.31 6.95 -18.24
CA GLU A 201 -24.31 7.79 -17.05
C GLU A 201 -23.24 8.84 -17.11
N GLU A 202 -22.12 8.60 -17.81
CA GLU A 202 -21.10 9.69 -17.86
C GLU A 202 -21.57 10.83 -18.71
N GLU A 203 -22.17 10.50 -19.80
CA GLU A 203 -22.73 11.53 -20.64
C GLU A 203 -23.89 12.31 -19.98
N LYS A 204 -24.77 11.62 -19.28
CA LYS A 204 -25.79 12.27 -18.50
C LYS A 204 -25.16 13.29 -17.58
N ALA A 205 -24.12 12.87 -16.84
CA ALA A 205 -23.45 13.73 -15.89
C ALA A 205 -22.64 14.84 -16.53
N ARG A 206 -22.12 14.58 -17.71
CA ARG A 206 -21.47 15.60 -18.47
C ARG A 206 -22.50 16.69 -18.73
N LEU A 207 -23.60 16.31 -19.34
CA LEU A 207 -24.64 17.25 -19.71
C LEU A 207 -25.24 17.97 -18.49
N THR A 208 -25.44 17.25 -17.40
CA THR A 208 -25.95 17.84 -16.19
C THR A 208 -25.08 19.00 -15.79
N GLU A 209 -23.76 18.79 -15.75
CA GLU A 209 -22.84 19.82 -15.24
C GLU A 209 -22.68 20.99 -16.22
N GLU A 210 -23.00 20.76 -17.49
CA GLU A 210 -23.05 21.86 -18.44
C GLU A 210 -24.36 22.59 -18.37
N SER A 211 -25.45 21.83 -18.18
CA SER A 211 -26.78 22.38 -17.81
C SER A 211 -26.69 23.61 -16.91
N LYS A 212 -25.75 23.61 -15.98
CA LYS A 212 -25.54 24.70 -15.06
C LYS A 212 -24.60 25.75 -15.66
N ILE A 213 -24.63 25.87 -16.98
CA ILE A 213 -23.95 26.99 -17.65
C ILE A 213 -25.03 27.88 -18.21
N PRO A 214 -25.27 29.01 -17.51
CA PRO A 214 -26.25 29.89 -18.12
C PRO A 214 -25.78 30.28 -19.51
N GLY A 215 -26.72 30.29 -20.46
CA GLY A 215 -26.51 30.90 -21.76
C GLY A 215 -26.31 29.95 -22.93
N VAL A 216 -25.28 30.23 -23.73
CA VAL A 216 -25.12 29.66 -25.08
C VAL A 216 -23.79 28.92 -25.29
N LYS A 217 -23.61 27.77 -24.64
CA LYS A 217 -24.62 27.17 -23.78
C LYS A 217 -24.22 25.73 -23.46
N GLY A 218 -24.67 25.15 -22.36
CA GLY A 218 -25.49 25.82 -21.35
C GLY A 218 -26.94 25.41 -21.48
N LEU A 219 -27.45 25.49 -22.69
CA LEU A 219 -28.87 25.40 -23.00
C LEU A 219 -29.04 24.24 -23.93
N GLY A 220 -27.96 23.91 -24.65
CA GLY A 220 -27.96 22.80 -25.57
C GLY A 220 -27.97 21.58 -24.69
N ALA A 221 -27.14 21.66 -23.64
CA ALA A 221 -27.02 20.61 -22.62
C ALA A 221 -28.39 20.16 -22.07
N THR A 222 -29.27 21.13 -21.82
CA THR A 222 -30.56 20.86 -21.23
C THR A 222 -31.42 20.02 -22.11
N ASN A 223 -31.46 20.36 -23.38
CA ASN A 223 -32.30 19.65 -24.33
C ASN A 223 -31.78 18.26 -24.57
N MET A 224 -30.45 18.16 -24.55
CA MET A 224 -29.80 16.89 -24.79
C MET A 224 -30.19 16.04 -23.60
N LEU A 225 -29.97 16.59 -22.41
CA LEU A 225 -30.26 15.86 -21.17
C LEU A 225 -31.69 15.41 -21.22
N ALA A 226 -32.59 16.31 -21.63
CA ALA A 226 -34.00 15.99 -21.68
C ALA A 226 -34.26 14.90 -22.69
N GLN A 227 -33.49 14.87 -23.76
CA GLN A 227 -33.74 13.91 -24.83
C GLN A 227 -32.94 12.58 -24.69
N ILE A 228 -32.14 12.48 -23.63
CA ILE A 228 -31.04 11.52 -23.58
C ILE A 228 -31.43 10.10 -23.84
N ASP A 229 -32.61 9.69 -23.42
CA ASP A 229 -32.98 8.30 -23.59
C ASP A 229 -33.49 7.92 -24.96
N SER A 230 -33.45 8.84 -25.91
CA SER A 230 -33.69 8.47 -27.29
C SER A 230 -32.38 8.76 -28.02
N GLY A 231 -31.31 8.95 -27.27
CA GLY A 231 -29.98 9.19 -27.86
C GLY A 231 -29.20 7.91 -28.14
N PRO A 232 -28.03 8.05 -28.72
CA PRO A 232 -27.26 6.90 -29.10
C PRO A 232 -26.83 6.05 -27.95
N LEU A 233 -26.30 6.67 -26.91
CA LEU A 233 -25.71 5.90 -25.80
C LEU A 233 -26.79 5.07 -25.09
N LYS A 234 -28.01 5.60 -25.04
CA LYS A 234 -29.07 4.86 -24.42
C LYS A 234 -29.45 3.74 -25.36
N GLU A 235 -29.49 4.05 -26.65
CA GLU A 235 -29.74 3.00 -27.60
C GLU A 235 -28.73 1.81 -27.48
N GLN A 236 -27.46 2.13 -27.37
CA GLN A 236 -26.43 1.11 -27.31
C GLN A 236 -26.64 0.28 -26.02
N LEU A 237 -27.02 0.94 -24.95
CA LEU A 237 -27.30 0.22 -23.68
C LEU A 237 -28.47 -0.73 -23.87
N ASN A 238 -29.56 -0.23 -24.42
CA ASN A 238 -30.72 -1.09 -24.69
C ASN A 238 -30.38 -2.31 -25.50
N PHE A 239 -29.52 -2.17 -26.50
CA PHE A 239 -29.15 -3.30 -27.31
C PHE A 239 -28.20 -4.23 -26.52
N ALA A 240 -27.29 -3.66 -25.73
CA ALA A 240 -26.37 -4.46 -24.94
C ALA A 240 -27.18 -5.33 -23.97
N LEU A 241 -28.27 -4.79 -23.45
CA LEU A 241 -29.17 -5.56 -22.53
C LEU A 241 -29.81 -6.79 -23.22
N ILE A 242 -30.06 -6.65 -24.52
CA ILE A 242 -30.66 -7.74 -25.29
C ILE A 242 -29.59 -8.77 -25.51
N SER A 243 -28.38 -8.33 -25.85
CA SER A 243 -27.34 -9.29 -26.08
C SER A 243 -27.10 -10.07 -24.84
N ALA A 244 -27.04 -9.36 -23.71
CA ALA A 244 -26.74 -10.06 -22.42
C ALA A 244 -27.77 -11.12 -22.19
N GLU A 245 -29.02 -10.72 -22.39
CA GLU A 245 -30.14 -11.60 -22.10
C GLU A 245 -30.12 -12.85 -22.92
N ALA A 246 -29.79 -12.68 -24.20
CA ALA A 246 -29.67 -13.82 -25.10
C ALA A 246 -28.52 -14.70 -24.68
N ALA A 247 -27.44 -14.10 -24.28
CA ALA A 247 -26.31 -14.93 -23.94
C ALA A 247 -26.63 -15.67 -22.61
N VAL A 248 -27.22 -14.97 -21.66
CA VAL A 248 -27.59 -15.61 -20.34
C VAL A 248 -28.53 -16.81 -20.57
N ARG A 249 -29.57 -16.59 -21.37
CA ARG A 249 -30.47 -17.68 -21.80
C ARG A 249 -29.75 -18.88 -22.39
N THR A 250 -28.90 -18.69 -23.41
CA THR A 250 -28.28 -19.86 -24.00
C THR A 250 -27.40 -20.55 -23.00
N ALA A 251 -26.66 -19.81 -22.19
CA ALA A 251 -25.91 -20.43 -21.07
C ALA A 251 -26.81 -21.16 -20.08
N SER A 252 -27.92 -20.57 -19.73
CA SER A 252 -28.81 -21.16 -18.70
C SER A 252 -29.45 -22.47 -19.27
N LYS A 253 -30.01 -22.40 -20.46
CA LYS A 253 -30.52 -23.59 -21.14
C LYS A 253 -29.52 -24.70 -21.18
N LYS A 254 -28.27 -24.38 -21.45
CA LYS A 254 -27.29 -25.41 -21.58
C LYS A 254 -26.88 -25.99 -20.26
N TYR A 255 -26.83 -25.21 -19.18
CA TYR A 255 -26.23 -25.69 -17.91
C TYR A 255 -27.08 -25.58 -16.66
N GLY A 256 -28.26 -25.01 -16.74
CA GLY A 256 -29.07 -24.71 -15.56
C GLY A 256 -30.12 -25.75 -15.26
N GLY A 257 -30.09 -26.86 -16.01
CA GLY A 257 -31.04 -27.97 -15.83
C GLY A 257 -32.45 -27.57 -16.30
N ALA A 258 -33.46 -28.39 -15.97
CA ALA A 258 -34.87 -27.98 -16.22
C ALA A 258 -35.08 -26.71 -15.40
N ALA A 259 -36.21 -26.04 -15.62
CA ALA A 259 -36.38 -24.62 -15.27
C ALA A 259 -35.81 -23.78 -16.41
N TYR A 260 -34.87 -24.36 -17.19
CA TYR A 260 -34.32 -23.80 -18.43
C TYR A 260 -34.23 -24.88 -19.51
N SER A 271 -22.98 -26.84 -9.94
CA SER A 271 -21.72 -27.04 -10.69
C SER A 271 -21.42 -25.80 -11.46
N SER A 272 -22.30 -25.40 -12.41
CA SER A 272 -22.47 -24.04 -12.88
C SER A 272 -23.68 -23.35 -12.30
N ALA A 273 -24.34 -23.98 -11.35
CA ALA A 273 -25.59 -23.41 -10.84
C ALA A 273 -25.43 -22.04 -10.26
N GLY A 274 -24.34 -21.80 -9.58
CA GLY A 274 -24.18 -20.48 -8.96
C GLY A 274 -24.00 -19.42 -10.06
N ALA A 275 -23.23 -19.77 -11.07
CA ALA A 275 -22.96 -18.82 -12.15
C ALA A 275 -24.23 -18.54 -12.86
N ILE A 276 -25.08 -19.55 -13.01
CA ILE A 276 -26.35 -19.39 -13.70
C ILE A 276 -27.22 -18.52 -12.88
N TRP A 277 -27.34 -18.80 -11.57
CA TRP A 277 -28.17 -17.96 -10.72
C TRP A 277 -27.65 -16.48 -10.72
N TRP A 278 -26.34 -16.29 -10.64
CA TRP A 278 -25.79 -14.91 -10.47
C TRP A 278 -26.08 -14.09 -11.71
N MET A 279 -25.81 -14.69 -12.85
CA MET A 279 -26.00 -13.98 -14.10
C MET A 279 -27.44 -13.60 -14.33
N ASN A 280 -28.36 -14.50 -14.00
CA ASN A 280 -29.81 -14.16 -14.07
C ASN A 280 -30.18 -13.11 -13.10
N ARG A 281 -29.76 -13.25 -11.87
CA ARG A 281 -29.98 -12.15 -10.93
C ARG A 281 -29.51 -10.78 -11.38
N ASP A 282 -28.32 -10.78 -11.96
CA ASP A 282 -27.67 -9.54 -12.34
C ASP A 282 -28.37 -8.91 -13.54
N LEU A 283 -28.67 -9.76 -14.54
CA LEU A 283 -29.52 -9.36 -15.66
C LEU A 283 -30.81 -8.78 -15.19
N GLU A 284 -31.46 -9.47 -14.26
CA GLU A 284 -32.71 -8.97 -13.70
C GLU A 284 -32.55 -7.54 -13.14
N GLU A 285 -31.54 -7.33 -12.30
CA GLU A 285 -31.22 -6.03 -11.70
C GLU A 285 -31.00 -4.98 -12.79
N LYS A 286 -30.19 -5.35 -13.76
CA LYS A 286 -29.91 -4.43 -14.84
C LYS A 286 -31.16 -4.03 -15.55
N LYS A 287 -32.03 -4.98 -15.88
CA LYS A 287 -33.23 -4.68 -16.73
C LYS A 287 -34.16 -3.78 -16.00
N LYS A 288 -34.30 -4.08 -14.72
CA LYS A 288 -35.15 -3.29 -13.82
C LYS A 288 -34.71 -1.83 -13.89
N ARG A 289 -33.40 -1.58 -13.87
CA ARG A 289 -32.85 -0.23 -13.69
C ARG A 289 -32.69 0.51 -15.03
N TYR A 290 -32.32 -0.19 -16.09
CA TYR A 290 -31.99 0.46 -17.36
C TYR A 290 -32.80 -0.01 -18.57
N GLY A 291 -33.66 -1.01 -18.38
CA GLY A 291 -34.57 -1.53 -19.44
C GLY A 291 -35.81 -0.69 -19.66
N PRO A 292 -36.80 -1.19 -20.43
CA PRO A 292 -37.83 -0.33 -21.08
C PRO A 292 -38.99 0.08 -20.20
N GLU B 24 23.21 7.48 19.83
CA GLU B 24 22.03 6.58 19.77
C GLU B 24 20.95 7.03 18.76
N LYS B 25 20.60 8.30 18.72
CA LYS B 25 19.74 8.77 17.63
C LYS B 25 20.62 8.94 16.40
N LEU B 26 20.18 8.46 15.25
CA LEU B 26 21.06 8.51 14.08
C LEU B 26 21.21 9.93 13.60
N SER B 27 22.41 10.27 13.15
CA SER B 27 22.61 11.51 12.43
C SER B 27 21.88 11.34 11.13
N ALA B 28 21.57 12.45 10.45
CA ALA B 28 20.84 12.37 9.20
C ALA B 28 21.61 11.58 8.14
N GLU B 29 22.93 11.62 8.23
CA GLU B 29 23.83 10.86 7.39
C GLU B 29 23.80 9.33 7.69
N ALA B 30 23.85 8.97 8.97
CA ALA B 30 23.72 7.61 9.39
C ALA B 30 22.33 7.11 8.99
N MET B 31 21.31 7.97 9.13
CA MET B 31 19.93 7.54 8.88
C MET B 31 19.78 7.26 7.41
N GLU B 32 20.42 8.08 6.56
CA GLU B 32 20.35 7.90 5.10
C GLU B 32 20.92 6.54 4.68
N PHE B 33 22.06 6.21 5.24
CA PHE B 33 22.73 4.94 5.04
C PHE B 33 21.83 3.79 5.53
N PHE B 34 21.34 3.92 6.75
CA PHE B 34 20.51 2.91 7.38
C PHE B 34 19.30 2.61 6.52
N CYS B 35 18.68 3.66 5.97
CA CYS B 35 17.52 3.53 5.12
C CYS B 35 17.88 2.85 3.80
N ASN B 36 19.03 3.19 3.27
CA ASN B 36 19.47 2.58 2.01
C ASN B 36 19.71 1.08 2.16
N VAL B 37 20.41 0.69 3.22
CA VAL B 37 20.66 -0.74 3.53
C VAL B 37 19.31 -1.46 3.72
N ALA B 38 18.38 -0.84 4.44
CA ALA B 38 17.05 -1.49 4.65
C ALA B 38 16.19 -1.58 3.43
N LYS B 39 16.55 -0.86 2.35
CA LYS B 39 15.86 -1.06 1.09
C LYS B 39 16.48 -2.16 0.23
N LEU B 40 17.72 -2.59 0.49
CA LEU B 40 18.28 -3.73 -0.23
C LEU B 40 17.48 -4.98 0.10
N PRO B 41 17.59 -6.01 -0.73
CA PRO B 41 17.01 -7.29 -0.48
C PRO B 41 17.42 -7.85 0.85
N PHE B 42 16.54 -8.58 1.51
CA PHE B 42 16.80 -9.08 2.86
C PHE B 42 18.20 -9.73 3.02
N SER B 43 18.64 -10.48 2.01
CA SER B 43 19.87 -11.27 2.15
C SER B 43 21.08 -10.34 2.22
N GLN B 44 21.03 -9.21 1.53
CA GLN B 44 22.06 -8.18 1.62
C GLN B 44 21.99 -7.45 2.94
N GLN B 45 20.79 -7.35 3.51
CA GLN B 45 20.63 -6.74 4.80
C GLN B 45 21.37 -7.63 5.80
N ALA B 46 21.17 -8.89 5.59
CA ALA B 46 21.76 -9.94 6.37
C ALA B 46 23.27 -9.92 6.33
N VAL B 47 23.81 -9.85 5.13
CA VAL B 47 25.26 -9.73 5.03
C VAL B 47 25.83 -8.51 5.71
N HIS B 48 25.22 -7.31 5.54
CA HIS B 48 25.72 -6.10 6.16
C HIS B 48 25.72 -6.32 7.66
N PHE B 49 24.68 -6.95 8.17
CA PHE B 49 24.59 -7.09 9.64
C PHE B 49 25.66 -8.08 10.03
N LEU B 50 25.75 -9.19 9.28
CA LEU B 50 26.74 -10.25 9.66
C LEU B 50 28.19 -9.72 9.60
N ASN B 51 28.51 -8.95 8.56
CA ASN B 51 29.87 -8.39 8.45
C ASN B 51 30.18 -7.53 9.63
N ALA B 52 29.21 -6.70 9.97
CA ALA B 52 29.36 -5.79 11.04
C ALA B 52 29.53 -6.42 12.37
N TYR B 53 28.80 -7.49 12.64
CA TYR B 53 28.83 -8.11 13.94
C TYR B 53 29.40 -9.52 14.00
N TRP B 54 30.25 -9.86 13.04
CA TRP B 54 30.73 -11.24 12.97
C TRP B 54 31.34 -11.75 14.29
N ALA B 55 32.13 -10.90 14.89
CA ALA B 55 32.75 -11.21 16.19
C ALA B 55 31.77 -11.67 17.22
N GLU B 56 30.61 -11.00 17.27
CA GLU B 56 29.62 -11.27 18.31
C GLU B 56 28.63 -12.31 17.90
N VAL B 57 28.37 -12.43 16.60
CA VAL B 57 27.15 -13.12 16.15
C VAL B 57 27.38 -14.36 15.26
N SER B 58 28.64 -14.62 14.87
CA SER B 58 29.00 -15.63 13.88
C SER B 58 28.40 -16.96 14.13
N LYS B 59 28.25 -17.34 15.41
CA LYS B 59 27.72 -18.66 15.68
C LYS B 59 26.22 -18.76 15.48
N GLU B 60 25.54 -17.62 15.36
CA GLU B 60 24.11 -17.60 15.10
C GLU B 60 23.79 -17.62 13.58
N ALA B 61 24.82 -17.52 12.76
CA ALA B 61 24.62 -17.37 11.32
C ALA B 61 23.75 -18.43 10.70
N GLU B 62 23.89 -19.69 11.09
CA GLU B 62 23.02 -20.72 10.56
C GLU B 62 21.55 -20.45 10.91
N PHE B 63 21.28 -19.84 12.03
CA PHE B 63 19.91 -19.62 12.44
C PHE B 63 19.41 -18.43 11.58
N ILE B 64 20.24 -17.42 11.50
CA ILE B 64 19.87 -16.26 10.73
C ILE B 64 19.51 -16.66 9.30
N TYR B 65 20.29 -17.57 8.71
CA TYR B 65 20.12 -17.95 7.34
C TYR B 65 18.97 -18.90 7.16
N SER B 66 18.89 -19.90 8.02
CA SER B 66 17.95 -21.00 7.86
C SER B 66 16.62 -20.79 8.52
N VAL B 67 16.53 -19.89 9.47
CA VAL B 67 15.27 -19.67 10.17
C VAL B 67 14.80 -18.25 10.01
N GLY B 68 15.67 -17.30 10.34
CA GLY B 68 15.28 -15.94 10.28
C GLY B 68 15.00 -15.51 8.86
N TRP B 69 15.95 -15.72 7.96
CA TRP B 69 15.81 -15.29 6.60
C TRP B 69 14.67 -16.05 5.92
N GLU B 70 14.61 -17.35 6.13
CA GLU B 70 13.63 -18.15 5.48
C GLU B 70 12.30 -17.69 5.88
N THR B 71 12.15 -17.29 7.14
CA THR B 71 10.83 -16.96 7.63
C THR B 71 10.39 -15.59 7.15
N ILE B 72 11.31 -14.64 7.03
CA ILE B 72 10.93 -13.34 6.55
C ILE B 72 10.60 -13.45 5.07
N LYS B 73 11.35 -14.24 4.31
CA LYS B 73 11.05 -14.40 2.91
C LYS B 73 9.67 -15.01 2.70
N TYR B 74 9.26 -15.99 3.51
CA TYR B 74 7.97 -16.60 3.35
C TYR B 74 6.91 -15.62 3.70
N ALA B 75 7.13 -14.78 4.72
CA ALA B 75 6.12 -13.77 5.08
C ALA B 75 5.88 -12.82 3.91
N ASP B 76 6.97 -12.39 3.29
CA ASP B 76 6.93 -11.49 2.16
C ASP B 76 6.27 -12.17 0.98
N MET B 77 6.70 -13.40 0.75
CA MET B 77 6.12 -14.23 -0.32
C MET B 77 4.62 -14.26 -0.24
N HIS B 78 4.11 -14.66 0.93
CA HIS B 78 2.66 -14.70 1.11
C HIS B 78 2.01 -13.34 0.85
N CYS B 79 2.66 -12.26 1.26
CA CYS B 79 2.08 -10.93 1.17
C CYS B 79 1.95 -10.67 -0.31
N LYS B 80 2.91 -11.13 -1.06
CA LYS B 80 2.93 -10.88 -2.54
C LYS B 80 2.23 -11.95 -3.39
N GLY B 81 1.59 -12.90 -2.75
CA GLY B 81 0.89 -13.94 -3.45
C GLY B 81 1.84 -14.87 -4.20
N ILE B 82 3.03 -15.16 -3.67
CA ILE B 82 3.90 -16.15 -4.31
C ILE B 82 4.00 -17.38 -3.41
N GLN B 83 3.88 -18.58 -3.99
CA GLN B 83 4.00 -19.82 -3.21
C GLN B 83 5.31 -20.59 -3.45
N LEU B 84 6.02 -20.30 -4.54
CA LEU B 84 7.23 -21.09 -4.92
C LEU B 84 8.47 -20.18 -4.92
N VAL B 85 9.50 -20.66 -4.25
CA VAL B 85 10.65 -19.88 -4.00
C VAL B 85 11.33 -19.48 -5.34
N PHE B 86 11.25 -20.31 -6.39
CA PHE B 86 11.90 -19.94 -7.71
C PHE B 86 11.15 -18.86 -8.47
N LYS B 87 9.94 -18.51 -8.00
CA LYS B 87 9.20 -17.38 -8.61
C LYS B 87 9.26 -16.11 -7.75
N TYR B 88 9.92 -16.16 -6.60
CA TYR B 88 10.03 -15.04 -5.68
C TYR B 88 11.18 -14.11 -6.00
N ASP B 89 10.88 -12.82 -6.24
CA ASP B 89 11.87 -11.74 -6.33
C ASP B 89 12.06 -11.14 -4.92
N GLU B 90 13.28 -11.17 -4.41
CA GLU B 90 13.49 -11.00 -2.97
C GLU B 90 13.11 -9.59 -2.49
N GLY B 91 12.37 -9.51 -1.42
CA GLY B 91 11.93 -8.27 -0.91
C GLY B 91 12.86 -7.60 0.07
N ASN B 92 12.34 -6.57 0.71
CA ASN B 92 13.15 -5.72 1.64
C ASN B 92 12.49 -5.37 2.97
N ASP B 93 11.19 -5.14 2.97
CA ASP B 93 10.52 -4.89 4.24
C ASP B 93 9.03 -5.24 4.26
N LEU B 94 8.46 -5.31 5.45
CA LEU B 94 7.08 -5.76 5.64
C LEU B 94 6.32 -4.68 6.37
N ASP B 95 5.04 -4.54 6.10
CA ASP B 95 4.19 -3.67 6.94
C ASP B 95 3.97 -4.33 8.30
N PHE B 96 3.33 -3.65 9.23
CA PHE B 96 3.17 -4.18 10.58
C PHE B 96 2.30 -5.44 10.63
N ASP B 97 1.28 -5.56 9.77
CA ASP B 97 0.48 -6.80 9.75
C ASP B 97 1.29 -7.96 9.26
N ILE B 98 2.04 -7.80 8.18
CA ILE B 98 2.93 -8.85 7.72
C ILE B 98 4.07 -9.13 8.73
N ALA B 99 4.55 -8.10 9.40
CA ALA B 99 5.57 -8.27 10.40
C ALA B 99 5.11 -9.12 11.54
N LEU B 100 3.88 -8.95 11.87
CA LEU B 100 3.32 -9.75 12.91
C LEU B 100 3.25 -11.21 12.50
N TYR B 101 2.86 -11.50 11.27
CA TYR B 101 2.84 -12.86 10.81
C TYR B 101 4.26 -13.46 10.83
N PHE B 102 5.25 -12.66 10.44
CA PHE B 102 6.64 -13.06 10.48
C PHE B 102 7.09 -13.47 11.91
N TYR B 103 6.91 -12.58 12.87
CA TYR B 103 7.30 -12.84 14.26
C TYR B 103 6.55 -14.01 14.81
N GLU B 104 5.25 -14.11 14.52
CA GLU B 104 4.45 -15.27 14.96
C GLU B 104 4.90 -16.56 14.38
N GLN B 105 5.26 -16.56 13.10
CA GLN B 105 5.76 -17.76 12.50
C GLN B 105 7.13 -18.18 13.05
N LEU B 106 7.98 -17.21 13.41
CA LEU B 106 9.19 -17.55 14.09
C LEU B 106 8.96 -18.28 15.39
N CYS B 107 8.10 -17.71 16.22
CA CYS B 107 7.72 -18.32 17.51
C CYS B 107 7.19 -19.68 17.26
N LYS B 108 6.28 -19.83 16.29
CA LYS B 108 5.67 -21.12 16.05
C LYS B 108 6.70 -22.19 15.69
N PHE B 109 7.60 -21.80 14.79
CA PHE B 109 8.64 -22.70 14.35
C PHE B 109 9.54 -23.13 15.51
N CYS B 110 9.98 -22.17 16.31
CA CYS B 110 10.94 -22.40 17.38
C CYS B 110 10.30 -23.11 18.58
N GLU B 111 8.98 -23.05 18.72
CA GLU B 111 8.35 -23.77 19.82
C GLU B 111 7.95 -25.15 19.34
N ASP B 112 8.07 -25.41 18.05
CA ASP B 112 7.69 -26.72 17.54
C ASP B 112 8.72 -27.78 17.96
N PRO B 113 8.29 -28.84 18.68
CA PRO B 113 9.22 -29.90 19.08
C PRO B 113 10.09 -30.41 17.98
N LYS B 114 9.58 -30.49 16.77
CA LYS B 114 10.42 -31.02 15.68
C LYS B 114 11.62 -30.12 15.37
N ASN B 115 11.61 -28.90 15.90
CA ASN B 115 12.71 -27.94 15.67
C ASN B 115 13.54 -27.68 16.88
N LYS B 116 13.34 -28.52 17.88
CA LYS B 116 14.06 -28.47 19.15
C LYS B 116 15.52 -28.08 19.00
N ASN B 117 16.18 -28.61 17.97
CA ASN B 117 17.64 -28.41 17.88
C ASN B 117 18.04 -26.96 17.52
N TYR B 118 17.17 -26.27 16.77
CA TYR B 118 17.36 -24.85 16.54
C TYR B 118 17.14 -24.09 17.87
N ALA B 119 16.11 -24.47 18.61
CA ALA B 119 15.83 -23.79 19.89
C ALA B 119 16.98 -23.98 20.90
N THR B 120 17.46 -25.23 21.02
CA THR B 120 18.56 -25.57 21.97
C THR B 120 19.91 -25.02 21.54
N THR B 121 20.29 -25.21 20.28
CA THR B 121 21.59 -24.72 19.81
C THR B 121 21.69 -23.20 19.68
N TYR B 122 20.58 -22.50 19.41
CA TYR B 122 20.68 -21.05 19.14
C TYR B 122 19.85 -20.28 20.12
N PRO B 123 20.15 -20.42 21.42
CA PRO B 123 19.30 -19.69 22.38
C PRO B 123 19.25 -18.18 22.16
N ILE B 124 20.37 -17.55 21.84
CA ILE B 124 20.29 -16.08 21.74
C ILE B 124 19.51 -15.57 20.49
N SER B 125 19.25 -16.46 19.54
CA SER B 125 18.46 -16.14 18.36
C SER B 125 16.93 -16.39 18.57
N GLN B 126 16.51 -16.91 19.74
CA GLN B 126 15.10 -17.22 19.91
C GLN B 126 14.21 -15.99 19.97
N PRO B 127 13.06 -16.00 19.28
CA PRO B 127 12.12 -14.88 19.39
C PRO B 127 11.33 -15.00 20.68
N GLN B 128 10.52 -13.98 20.95
CA GLN B 128 9.68 -13.93 22.12
C GLN B 128 8.21 -13.78 21.73
N MET B 129 7.36 -14.58 22.34
CA MET B 129 5.94 -14.56 22.10
C MET B 129 5.34 -13.29 22.67
N LEU B 130 4.51 -12.61 21.88
CA LEU B 130 3.74 -11.47 22.38
C LEU B 130 2.36 -11.55 21.83
N THR B 131 1.39 -10.93 22.50
CA THR B 131 0.15 -10.69 21.87
C THR B 131 0.33 -9.66 20.76
N ALA B 132 -0.72 -9.51 19.97
CA ALA B 132 -0.71 -8.64 18.82
C ALA B 132 -0.54 -7.18 19.18
N LEU B 133 -1.11 -6.77 20.31
CA LEU B 133 -1.05 -5.34 20.65
C LEU B 133 0.33 -5.07 21.20
N LYS B 134 0.81 -6.00 22.00
CA LYS B 134 2.16 -5.94 22.52
C LYS B 134 3.18 -5.96 21.39
N ARG B 135 2.99 -6.82 20.41
CA ARG B 135 3.87 -6.81 19.26
C ARG B 135 3.92 -5.48 18.49
N LYS B 136 2.77 -4.98 18.06
CA LYS B 136 2.78 -3.74 17.28
C LYS B 136 3.37 -2.60 18.08
N GLN B 137 3.13 -2.61 19.38
CA GLN B 137 3.67 -1.58 20.20
C GLN B 137 5.20 -1.73 20.17
N GLU B 138 5.73 -2.94 20.30
CA GLU B 138 7.19 -3.11 20.15
C GLU B 138 7.68 -2.65 18.77
N LEU B 139 6.95 -2.97 17.72
CA LEU B 139 7.38 -2.51 16.40
C LEU B 139 7.44 -1.01 16.32
N ARG B 140 6.43 -0.31 16.86
CA ARG B 140 6.43 1.18 16.89
C ARG B 140 7.47 1.83 17.74
N GLU B 141 7.62 1.29 18.93
CA GLU B 141 8.56 1.82 19.88
C GLU B 141 10.01 1.45 19.67
N LYS B 142 10.31 0.21 19.33
CA LYS B 142 11.70 -0.25 19.26
C LYS B 142 12.19 -0.66 17.86
N VAL B 143 11.38 -1.39 17.11
CA VAL B 143 11.91 -2.11 15.96
C VAL B 143 12.01 -1.18 14.80
N ASP B 144 10.96 -0.35 14.60
CA ASP B 144 10.84 0.54 13.43
C ASP B 144 11.65 1.81 13.62
N VAL B 145 12.94 1.65 13.41
CA VAL B 145 13.88 2.66 13.78
C VAL B 145 13.81 3.84 12.88
N ASN B 146 13.46 3.67 11.61
CA ASN B 146 13.39 4.84 10.75
C ASN B 146 11.96 5.35 10.59
N PHE B 147 11.05 4.91 11.47
CA PHE B 147 9.66 5.43 11.45
C PHE B 147 8.97 5.38 10.08
N ASP B 148 9.23 4.35 9.26
CA ASP B 148 8.57 4.26 7.99
C ASP B 148 7.37 3.38 8.01
N GLY B 149 7.02 2.77 9.16
CA GLY B 149 5.87 1.92 9.16
C GLY B 149 6.15 0.56 8.57
N ARG B 150 7.45 0.22 8.41
CA ARG B 150 7.84 -1.08 7.86
C ARG B 150 8.89 -1.73 8.70
N VAL B 151 8.96 -3.06 8.65
CA VAL B 151 10.04 -3.81 9.35
C VAL B 151 10.91 -4.49 8.31
N SER B 152 12.18 -4.11 8.24
CA SER B 152 13.18 -4.79 7.42
C SER B 152 13.83 -5.91 8.20
N PHE B 153 14.58 -6.74 7.51
CA PHE B 153 15.32 -7.82 8.16
C PHE B 153 16.41 -7.21 9.01
N LEU B 154 17.05 -6.16 8.52
CA LEU B 154 18.03 -5.46 9.36
C LEU B 154 17.43 -5.03 10.72
N GLU B 155 16.23 -4.44 10.69
CA GLU B 155 15.59 -3.99 11.92
C GLU B 155 15.23 -5.14 12.82
N TYR B 156 14.74 -6.24 12.27
CA TYR B 156 14.53 -7.44 13.10
C TYR B 156 15.80 -7.89 13.78
N LEU B 157 16.87 -7.98 13.00
CA LEU B 157 18.13 -8.54 13.46
C LEU B 157 18.72 -7.66 14.57
N LEU B 158 18.74 -6.37 14.32
CA LEU B 158 19.32 -5.41 15.24
C LEU B 158 18.64 -5.45 16.59
N TYR B 159 17.33 -5.53 16.59
CA TYR B 159 16.61 -5.64 17.85
C TYR B 159 16.70 -7.01 18.51
N GLN B 160 16.70 -8.07 17.72
CA GLN B 160 16.75 -9.40 18.28
C GLN B 160 18.06 -9.54 19.09
N TYR B 161 19.12 -8.96 18.56
CA TYR B 161 20.49 -9.10 19.09
C TYR B 161 20.92 -7.80 19.74
N LYS B 162 19.95 -7.09 20.34
CA LYS B 162 20.17 -5.81 20.99
C LYS B 162 21.14 -5.86 22.17
N ASP B 163 21.30 -7.05 22.75
CA ASP B 163 22.37 -7.23 23.72
C ASP B 163 23.66 -6.57 23.28
N PHE B 164 24.04 -6.75 22.01
CA PHE B 164 25.27 -6.16 21.55
C PHE B 164 25.17 -5.34 20.28
N ALA B 165 24.03 -5.29 19.61
CA ALA B 165 23.92 -4.43 18.46
C ALA B 165 22.89 -3.33 18.68
N ASN B 166 23.05 -2.20 17.95
CA ASN B 166 22.05 -1.15 17.92
C ASN B 166 22.30 -0.32 16.67
N PRO B 167 21.30 0.51 16.30
CA PRO B 167 21.41 1.20 15.03
C PRO B 167 22.64 2.03 14.85
N ALA B 168 22.98 2.85 15.84
CA ALA B 168 24.11 3.75 15.64
C ALA B 168 25.43 2.97 15.60
N ASP B 169 25.58 2.05 16.50
CA ASP B 169 26.77 1.21 16.45
C ASP B 169 26.84 0.45 15.11
N PHE B 170 25.69 0.06 14.58
CA PHE B 170 25.70 -0.68 13.33
C PHE B 170 26.22 0.22 12.21
N CYS B 171 25.72 1.45 12.14
CA CYS B 171 26.10 2.40 11.09
C CYS B 171 27.60 2.74 11.22
N THR B 172 28.09 2.76 12.46
CA THR B 172 29.52 3.01 12.71
C THR B 172 30.28 1.87 12.08
N ARG B 173 29.90 0.65 12.46
CA ARG B 173 30.61 -0.49 12.00
C ARG B 173 30.47 -0.69 10.51
N SER B 174 29.37 -0.25 9.89
CA SER B 174 29.04 -0.68 8.54
C SER B 174 29.35 0.34 7.46
N MET B 175 29.26 1.62 7.80
CA MET B 175 29.47 2.69 6.78
C MET B 175 30.96 2.70 6.32
N ASN B 176 31.22 3.19 5.12
CA ASN B 176 32.57 3.20 4.48
C ASN B 176 33.28 1.82 4.26
N HIS B 177 32.52 0.74 4.37
CA HIS B 177 33.00 -0.59 4.07
C HIS B 177 32.22 -1.14 2.86
N ASP B 178 32.55 -0.55 1.72
CA ASP B 178 32.13 -1.05 0.41
C ASP B 178 32.42 -2.54 0.20
N GLU B 179 31.47 -3.16 -0.46
CA GLU B 179 31.50 -4.55 -0.85
C GLU B 179 32.68 -4.71 -1.80
N HIS B 180 33.52 -5.70 -1.61
CA HIS B 180 34.64 -5.82 -2.54
C HIS B 180 34.13 -6.26 -3.87
N PRO B 181 34.79 -5.86 -4.97
CA PRO B 181 34.30 -6.19 -6.27
C PRO B 181 34.24 -7.68 -6.55
N GLU B 182 35.12 -8.44 -5.89
CA GLU B 182 35.19 -9.89 -6.08
C GLU B 182 33.97 -10.56 -5.44
N ILE B 183 33.58 -10.01 -4.28
CA ILE B 183 32.42 -10.46 -3.53
C ILE B 183 31.12 -10.10 -4.29
N LYS B 184 31.02 -8.86 -4.75
CA LYS B 184 29.90 -8.45 -5.58
C LYS B 184 29.73 -9.41 -6.76
N LYS B 185 30.87 -9.70 -7.42
CA LYS B 185 30.83 -10.58 -8.57
C LYS B 185 30.28 -12.01 -8.20
N ALA B 186 30.70 -12.49 -7.08
CA ALA B 186 30.22 -13.78 -6.64
C ALA B 186 28.71 -13.69 -6.31
N ARG B 187 28.32 -12.63 -5.64
CA ARG B 187 26.90 -12.46 -5.25
C ARG B 187 26.06 -12.45 -6.52
N LEU B 188 26.50 -11.67 -7.49
CA LEU B 188 25.76 -11.60 -8.76
C LEU B 188 25.78 -12.91 -9.55
N ALA B 189 26.88 -13.66 -9.49
CA ALA B 189 26.94 -14.95 -10.16
C ALA B 189 25.98 -15.91 -9.45
N LEU B 190 25.83 -15.79 -8.15
CA LEU B 190 24.81 -16.61 -7.43
C LEU B 190 23.38 -16.24 -7.82
N GLU B 191 23.13 -14.97 -8.06
CA GLU B 191 21.80 -14.56 -8.53
C GLU B 191 21.56 -15.03 -9.96
N GLU B 192 22.64 -15.12 -10.76
CA GLU B 192 22.52 -15.71 -12.10
C GLU B 192 22.07 -17.19 -12.00
N VAL B 193 22.63 -17.93 -11.05
CA VAL B 193 22.10 -19.24 -10.79
C VAL B 193 20.60 -19.18 -10.49
N ASN B 194 20.16 -18.25 -9.65
CA ASN B 194 18.73 -18.17 -9.37
C ASN B 194 17.89 -17.95 -10.60
N LYS B 195 18.38 -17.12 -11.48
CA LYS B 195 17.70 -16.89 -12.71
C LYS B 195 17.60 -18.20 -13.51
N ARG B 196 18.65 -19.03 -13.53
CA ARG B 196 18.60 -20.22 -14.34
C ARG B 196 17.79 -21.27 -13.66
N ILE B 197 17.79 -21.26 -12.33
CA ILE B 197 16.86 -22.11 -11.58
C ILE B 197 15.44 -21.80 -11.98
N ARG B 198 15.09 -20.54 -12.04
CA ARG B 198 13.72 -20.10 -12.29
C ARG B 198 13.30 -20.53 -13.68
N ALA B 199 14.15 -20.28 -14.67
CA ALA B 199 13.83 -20.72 -16.06
C ALA B 199 13.58 -22.23 -16.12
N TYR B 200 14.43 -23.01 -15.44
CA TYR B 200 14.35 -24.47 -15.44
C TYR B 200 13.11 -24.94 -14.77
N GLU B 201 12.88 -24.47 -13.53
CA GLU B 201 11.68 -24.87 -12.77
C GLU B 201 10.41 -24.39 -13.47
N GLU B 202 10.48 -23.27 -14.17
CA GLU B 202 9.27 -22.79 -14.85
C GLU B 202 8.89 -23.69 -16.01
N GLU B 203 9.90 -24.23 -16.66
CA GLU B 203 9.67 -25.16 -17.77
C GLU B 203 9.14 -26.54 -17.24
N LYS B 204 9.73 -27.01 -16.16
CA LYS B 204 9.32 -28.23 -15.53
C LYS B 204 7.87 -28.12 -15.06
N ALA B 205 7.49 -26.97 -14.52
CA ALA B 205 6.10 -26.78 -14.08
C ALA B 205 5.15 -26.70 -15.28
N ARG B 206 5.59 -26.07 -16.37
CA ARG B 206 4.70 -25.94 -17.52
C ARG B 206 4.46 -27.32 -18.14
N LEU B 207 5.54 -28.09 -18.26
CA LEU B 207 5.46 -29.45 -18.73
C LEU B 207 4.60 -30.28 -17.78
N THR B 208 4.76 -30.08 -16.48
CA THR B 208 4.03 -30.87 -15.54
C THR B 208 2.53 -30.59 -15.68
N GLU B 209 2.20 -29.30 -15.79
CA GLU B 209 0.82 -28.88 -16.06
C GLU B 209 0.29 -29.60 -17.31
N GLU B 210 0.89 -29.31 -18.45
CA GLU B 210 0.54 -29.92 -19.73
C GLU B 210 0.33 -31.46 -19.63
N SER B 211 1.18 -32.11 -18.84
CA SER B 211 1.20 -33.57 -18.64
C SER B 211 -0.15 -34.13 -18.21
N LYS B 212 -0.99 -33.32 -17.56
CA LYS B 212 -2.28 -33.83 -17.11
C LYS B 212 -3.42 -33.59 -18.08
N ILE B 213 -3.13 -33.05 -19.26
CA ILE B 213 -4.12 -33.00 -20.32
C ILE B 213 -4.35 -34.41 -20.85
N PRO B 214 -5.63 -34.83 -20.95
CA PRO B 214 -5.96 -36.12 -21.58
C PRO B 214 -5.39 -36.38 -23.01
N GLY B 215 -4.83 -37.57 -23.18
CA GLY B 215 -4.47 -38.07 -24.52
C GLY B 215 -3.09 -37.67 -25.01
N VAL B 216 -2.97 -37.39 -26.31
CA VAL B 216 -1.68 -37.18 -26.96
C VAL B 216 -0.81 -36.17 -26.19
N LYS B 217 -1.41 -35.01 -25.90
CA LYS B 217 -0.65 -33.80 -25.48
C LYS B 217 -0.01 -34.11 -24.11
N GLY B 218 -0.80 -34.70 -23.22
CA GLY B 218 -0.34 -35.13 -21.89
C GLY B 218 0.81 -36.12 -21.93
N LEU B 219 0.66 -37.13 -22.77
CA LEU B 219 1.75 -38.07 -23.03
C LEU B 219 3.01 -37.38 -23.58
N GLY B 220 2.88 -36.48 -24.55
CA GLY B 220 4.07 -35.82 -25.11
C GLY B 220 4.80 -35.04 -24.02
N ALA B 221 4.06 -34.45 -23.09
CA ALA B 221 4.67 -33.63 -22.04
C ALA B 221 5.28 -34.53 -20.98
N THR B 222 4.64 -35.67 -20.70
CA THR B 222 5.28 -36.61 -19.79
C THR B 222 6.65 -37.06 -20.34
N ASN B 223 6.68 -37.47 -21.60
CA ASN B 223 7.99 -37.74 -22.28
C ASN B 223 9.06 -36.65 -22.18
N MET B 224 8.69 -35.42 -22.56
CA MET B 224 9.56 -34.24 -22.38
C MET B 224 10.07 -34.08 -20.98
N LEU B 225 9.19 -34.18 -19.98
CA LEU B 225 9.68 -34.11 -18.59
C LEU B 225 10.77 -35.10 -18.28
N ALA B 226 10.69 -36.30 -18.85
CA ALA B 226 11.74 -37.31 -18.63
C ALA B 226 13.08 -36.85 -19.23
N GLN B 227 13.02 -36.03 -20.29
CA GLN B 227 14.24 -35.53 -20.97
C GLN B 227 14.79 -34.19 -20.38
N ILE B 228 14.14 -33.67 -19.34
CA ILE B 228 14.34 -32.26 -18.98
C ILE B 228 15.81 -31.96 -18.60
N ASP B 229 16.41 -32.89 -17.85
CA ASP B 229 17.78 -32.78 -17.44
C ASP B 229 18.89 -32.91 -18.53
N SER B 230 18.53 -33.30 -19.75
CA SER B 230 19.47 -33.28 -20.89
C SER B 230 19.35 -32.00 -21.61
N GLY B 231 18.35 -31.19 -21.24
CA GLY B 231 17.95 -30.06 -22.08
C GLY B 231 18.87 -28.87 -21.88
N PRO B 232 18.67 -27.82 -22.70
CA PRO B 232 19.55 -26.67 -22.67
C PRO B 232 19.30 -25.83 -21.40
N LEU B 233 18.07 -25.81 -20.89
CA LEU B 233 17.80 -25.06 -19.65
C LEU B 233 18.67 -25.57 -18.52
N LYS B 234 18.71 -26.88 -18.40
CA LYS B 234 19.49 -27.55 -17.37
C LYS B 234 20.96 -27.36 -17.63
N GLU B 235 21.35 -27.48 -18.88
CA GLU B 235 22.73 -27.20 -19.23
C GLU B 235 23.13 -25.78 -18.77
N GLN B 236 22.29 -24.81 -19.05
CA GLN B 236 22.63 -23.44 -18.67
C GLN B 236 22.67 -23.26 -17.14
N LEU B 237 21.82 -23.99 -16.43
CA LEU B 237 21.90 -23.98 -14.97
C LEU B 237 23.22 -24.58 -14.51
N ASN B 238 23.55 -25.75 -15.03
CA ASN B 238 24.84 -26.35 -14.65
C ASN B 238 25.98 -25.40 -14.94
N PHE B 239 25.93 -24.69 -16.10
CA PHE B 239 26.99 -23.74 -16.43
C PHE B 239 27.06 -22.62 -15.39
N ALA B 240 25.89 -22.11 -15.00
CA ALA B 240 25.83 -21.02 -14.03
C ALA B 240 26.40 -21.43 -12.70
N LEU B 241 26.14 -22.68 -12.33
CA LEU B 241 26.64 -23.24 -11.07
C LEU B 241 28.17 -23.29 -10.97
N ILE B 242 28.76 -23.74 -12.05
CA ILE B 242 30.21 -23.78 -12.23
C ILE B 242 30.79 -22.36 -12.15
N SER B 243 30.22 -21.41 -12.87
CA SER B 243 30.70 -20.02 -12.80
C SER B 243 30.57 -19.41 -11.42
N ALA B 244 29.50 -19.75 -10.73
CA ALA B 244 29.30 -19.18 -9.40
C ALA B 244 30.34 -19.73 -8.49
N GLU B 245 30.51 -21.02 -8.60
CA GLU B 245 31.55 -21.70 -7.78
C GLU B 245 32.92 -21.07 -8.02
N ALA B 246 33.28 -20.80 -9.26
CA ALA B 246 34.55 -20.13 -9.47
C ALA B 246 34.60 -18.78 -8.76
N ALA B 247 33.61 -17.94 -9.08
CA ALA B 247 33.50 -16.62 -8.47
C ALA B 247 33.53 -16.67 -6.93
N VAL B 248 32.79 -17.56 -6.33
CA VAL B 248 32.82 -17.66 -4.86
C VAL B 248 34.22 -18.08 -4.33
N ARG B 249 34.90 -18.99 -5.02
CA ARG B 249 36.22 -19.41 -4.53
C ARG B 249 37.20 -18.28 -4.70
N THR B 250 37.18 -17.61 -5.82
CA THR B 250 38.04 -16.42 -5.93
C THR B 250 37.87 -15.47 -4.74
N ALA B 251 36.62 -15.19 -4.38
CA ALA B 251 36.35 -14.25 -3.32
C ALA B 251 36.70 -14.83 -1.97
N SER B 252 36.48 -16.10 -1.79
CA SER B 252 36.71 -16.75 -0.47
C SER B 252 38.19 -16.86 -0.15
N LYS B 253 38.97 -17.13 -1.19
CA LYS B 253 40.41 -17.26 -1.05
C LYS B 253 40.99 -15.91 -0.65
N LYS B 254 40.54 -14.86 -1.32
CA LYS B 254 41.06 -13.54 -1.04
C LYS B 254 40.69 -12.96 0.32
N TYR B 255 39.43 -13.14 0.76
CA TYR B 255 38.95 -12.40 1.90
C TYR B 255 38.66 -13.24 3.13
N GLY B 256 38.71 -14.56 3.02
CA GLY B 256 38.39 -15.46 4.16
C GLY B 256 39.45 -15.59 5.24
N SER B 271 35.40 -8.91 8.71
CA SER B 271 35.07 -7.66 7.98
C SER B 271 34.27 -7.99 6.76
N SER B 272 34.75 -8.95 5.98
CA SER B 272 34.00 -9.52 4.92
C SER B 272 33.54 -10.90 5.28
N ALA B 273 33.73 -11.33 6.54
CA ALA B 273 33.51 -12.73 6.86
C ALA B 273 32.05 -13.17 6.73
N GLY B 274 31.12 -12.25 6.98
CA GLY B 274 29.66 -12.56 6.84
C GLY B 274 29.35 -12.80 5.39
N ALA B 275 29.88 -12.00 4.50
CA ALA B 275 29.59 -12.24 3.09
C ALA B 275 30.14 -13.59 2.59
N ILE B 276 31.34 -13.93 3.03
CA ILE B 276 31.97 -15.18 2.60
C ILE B 276 31.20 -16.32 3.19
N TRP B 277 30.83 -16.24 4.46
CA TRP B 277 30.07 -17.34 4.98
C TRP B 277 28.76 -17.50 4.16
N TRP B 278 28.10 -16.37 3.91
CA TRP B 278 26.77 -16.40 3.31
C TRP B 278 26.83 -16.94 1.90
N MET B 279 27.77 -16.48 1.10
CA MET B 279 27.82 -16.98 -0.29
C MET B 279 28.19 -18.48 -0.37
N ASN B 280 29.07 -18.96 0.50
CA ASN B 280 29.38 -20.41 0.55
C ASN B 280 28.20 -21.24 0.94
N ARG B 281 27.46 -20.72 1.89
CA ARG B 281 26.29 -21.41 2.38
C ARG B 281 25.24 -21.50 1.25
N ASP B 282 25.06 -20.39 0.54
CA ASP B 282 24.10 -20.25 -0.53
C ASP B 282 24.58 -21.19 -1.62
N LEU B 283 25.85 -21.09 -1.95
CA LEU B 283 26.37 -21.96 -3.02
C LEU B 283 26.24 -23.46 -2.70
N GLU B 284 26.54 -23.84 -1.47
CA GLU B 284 26.50 -25.24 -1.04
C GLU B 284 25.07 -25.78 -1.19
N GLU B 285 24.10 -24.96 -0.83
CA GLU B 285 22.71 -25.35 -0.96
C GLU B 285 22.24 -25.56 -2.39
N LYS B 286 22.60 -24.62 -3.24
CA LYS B 286 22.33 -24.77 -4.67
C LYS B 286 23.00 -26.00 -5.27
N LYS B 287 24.23 -26.28 -4.86
CA LYS B 287 24.99 -27.43 -5.45
C LYS B 287 24.34 -28.74 -5.07
N LYS B 288 23.86 -28.80 -3.85
CA LYS B 288 23.21 -29.96 -3.29
C LYS B 288 21.92 -30.17 -4.00
N ARG B 289 21.18 -29.12 -4.27
CA ARG B 289 19.90 -29.31 -4.93
C ARG B 289 20.03 -29.55 -6.41
N TYR B 290 20.97 -28.86 -7.05
CA TYR B 290 21.00 -28.80 -8.50
C TYR B 290 22.31 -29.28 -9.07
N GLY B 291 23.30 -29.59 -8.23
CA GLY B 291 24.58 -30.12 -8.75
C GLY B 291 24.42 -31.61 -9.08
N PRO B 292 25.53 -32.27 -9.42
CA PRO B 292 25.48 -33.67 -9.89
C PRO B 292 24.81 -34.68 -8.95
N LYS C 25 -22.89 13.45 7.19
CA LYS C 25 -22.94 12.62 5.96
C LYS C 25 -22.98 13.54 4.74
N LEU C 26 -21.91 13.54 3.92
CA LEU C 26 -21.90 14.39 2.69
C LEU C 26 -22.75 13.83 1.50
N SER C 27 -23.27 14.73 0.66
CA SER C 27 -23.77 14.38 -0.65
C SER C 27 -22.64 13.84 -1.53
N ALA C 28 -23.00 13.21 -2.64
CA ALA C 28 -22.01 12.59 -3.56
C ALA C 28 -21.09 13.66 -4.12
N GLU C 29 -21.69 14.79 -4.48
CA GLU C 29 -20.96 15.94 -5.05
C GLU C 29 -19.98 16.50 -4.03
N ALA C 30 -20.39 16.57 -2.77
CA ALA C 30 -19.57 17.11 -1.72
C ALA C 30 -18.41 16.13 -1.46
N MET C 31 -18.75 14.87 -1.17
CA MET C 31 -17.75 13.84 -0.97
C MET C 31 -16.67 13.79 -2.08
N GLU C 32 -17.09 13.95 -3.32
CA GLU C 32 -16.14 13.96 -4.42
C GLU C 32 -15.19 15.16 -4.32
N PHE C 33 -15.76 16.28 -3.93
CA PHE C 33 -15.00 17.52 -3.75
C PHE C 33 -14.01 17.35 -2.62
N PHE C 34 -14.51 16.89 -1.50
CA PHE C 34 -13.72 16.60 -0.37
C PHE C 34 -12.54 15.68 -0.70
N CYS C 35 -12.80 14.55 -1.40
CA CYS C 35 -11.78 13.56 -1.73
C CYS C 35 -10.74 14.22 -2.60
N ASN C 36 -11.18 15.03 -3.57
CA ASN C 36 -10.24 15.74 -4.43
C ASN C 36 -9.34 16.70 -3.64
N VAL C 37 -9.95 17.51 -2.77
CA VAL C 37 -9.17 18.43 -1.96
C VAL C 37 -8.14 17.62 -1.13
N ALA C 38 -8.60 16.58 -0.39
CA ALA C 38 -7.72 15.69 0.37
C ALA C 38 -6.59 14.95 -0.39
N LYS C 39 -6.63 14.94 -1.73
CA LYS C 39 -5.55 14.36 -2.51
C LYS C 39 -4.59 15.42 -3.02
N LEU C 40 -4.89 16.69 -2.77
CA LEU C 40 -3.97 17.75 -3.13
C LEU C 40 -2.80 17.70 -2.12
N PRO C 41 -1.66 18.29 -2.46
CA PRO C 41 -0.60 18.41 -1.50
C PRO C 41 -1.06 19.07 -0.26
N PHE C 42 -0.43 18.69 0.83
CA PHE C 42 -0.87 19.07 2.16
C PHE C 42 -1.06 20.63 2.28
N SER C 43 -0.14 21.37 1.71
CA SER C 43 -0.18 22.82 1.80
C SER C 43 -1.41 23.39 1.08
N GLN C 44 -1.85 22.76 -0.02
CA GLN C 44 -3.08 23.19 -0.68
C GLN C 44 -4.31 22.82 0.13
N GLN C 45 -4.21 21.74 0.93
CA GLN C 45 -5.27 21.36 1.81
C GLN C 45 -5.41 22.47 2.85
N ALA C 46 -4.27 22.83 3.40
CA ALA C 46 -4.20 23.81 4.42
C ALA C 46 -4.85 25.10 3.94
N VAL C 47 -4.44 25.56 2.77
CA VAL C 47 -4.95 26.82 2.21
C VAL C 47 -6.46 26.71 2.03
N HIS C 48 -6.94 25.54 1.55
CA HIS C 48 -8.37 25.34 1.42
C HIS C 48 -9.03 25.56 2.73
N PHE C 49 -8.48 24.97 3.77
CA PHE C 49 -9.13 25.05 5.11
C PHE C 49 -9.07 26.44 5.71
N LEU C 50 -7.98 27.12 5.42
CA LEU C 50 -7.73 28.47 5.96
C LEU C 50 -8.55 29.50 5.22
N ASN C 51 -8.62 29.43 3.89
CA ASN C 51 -9.53 30.25 3.14
C ASN C 51 -10.94 30.11 3.64
N ALA C 52 -11.38 28.89 3.94
CA ALA C 52 -12.72 28.66 4.43
C ALA C 52 -12.98 29.12 5.83
N TYR C 53 -12.03 28.96 6.74
CA TYR C 53 -12.31 29.24 8.14
C TYR C 53 -11.55 30.45 8.68
N TRP C 54 -11.12 31.34 7.81
CA TRP C 54 -10.22 32.39 8.25
C TRP C 54 -10.79 33.23 9.42
N ALA C 55 -12.09 33.46 9.38
CA ALA C 55 -12.80 34.14 10.45
C ALA C 55 -12.46 33.50 11.76
N GLU C 56 -12.65 32.18 11.85
CA GLU C 56 -12.60 31.51 13.14
C GLU C 56 -11.20 31.06 13.54
N VAL C 57 -10.26 30.98 12.60
CA VAL C 57 -9.03 30.25 12.86
C VAL C 57 -7.79 31.05 12.56
N SER C 58 -7.95 32.22 11.95
CA SER C 58 -6.84 33.10 11.58
C SER C 58 -5.66 33.15 12.53
N LYS C 59 -5.94 33.11 13.82
CA LYS C 59 -4.93 33.27 14.85
C LYS C 59 -4.08 32.05 15.10
N GLU C 60 -4.59 30.90 14.70
CA GLU C 60 -3.81 29.66 14.76
C GLU C 60 -2.98 29.39 13.48
N ALA C 61 -3.08 30.26 12.47
CA ALA C 61 -2.42 29.99 11.18
C ALA C 61 -0.91 29.68 11.25
N GLU C 62 -0.23 30.35 12.16
CA GLU C 62 1.17 30.14 12.38
C GLU C 62 1.45 28.77 13.00
N PHE C 63 0.55 28.29 13.84
CA PHE C 63 0.74 26.98 14.36
C PHE C 63 0.51 25.92 13.28
N ILE C 64 -0.49 26.15 12.45
CA ILE C 64 -0.78 25.24 11.36
C ILE C 64 0.40 25.22 10.41
N TYR C 65 1.02 26.38 10.17
CA TYR C 65 2.11 26.42 9.24
C TYR C 65 3.39 25.79 9.81
N SER C 66 3.75 26.17 11.03
CA SER C 66 5.07 25.90 11.52
C SER C 66 5.10 24.63 12.30
N VAL C 67 3.98 24.22 12.84
CA VAL C 67 3.92 22.97 13.59
C VAL C 67 3.10 21.82 12.90
N GLY C 68 1.83 22.06 12.59
CA GLY C 68 0.98 21.04 11.93
C GLY C 68 1.51 20.61 10.57
N TRP C 69 1.73 21.54 9.69
CA TRP C 69 2.23 21.24 8.34
C TRP C 69 3.65 20.66 8.33
N GLU C 70 4.56 21.15 9.16
CA GLU C 70 5.88 20.55 9.34
C GLU C 70 5.83 19.16 9.86
N THR C 71 5.05 18.91 10.89
CA THR C 71 5.01 17.58 11.42
C THR C 71 4.43 16.54 10.44
N ILE C 72 3.39 16.91 9.69
CA ILE C 72 2.79 15.99 8.79
C ILE C 72 3.71 15.72 7.63
N LYS C 73 4.45 16.73 7.11
CA LYS C 73 5.44 16.48 6.11
C LYS C 73 6.49 15.51 6.57
N TYR C 74 6.94 15.66 7.80
CA TYR C 74 8.03 14.85 8.26
C TYR C 74 7.63 13.41 8.41
N ALA C 75 6.41 13.18 8.91
CA ALA C 75 5.87 11.81 9.02
C ALA C 75 5.78 11.18 7.61
N ASP C 76 5.34 11.96 6.64
CA ASP C 76 5.21 11.50 5.28
C ASP C 76 6.59 11.22 4.71
N MET C 77 7.53 12.11 4.97
CA MET C 77 8.90 11.95 4.49
C MET C 77 9.48 10.65 5.01
N HIS C 78 9.29 10.38 6.29
CA HIS C 78 9.86 9.21 6.87
C HIS C 78 9.23 7.97 6.28
N CYS C 79 7.95 8.03 6.02
CA CYS C 79 7.24 6.90 5.46
C CYS C 79 7.83 6.57 4.12
N LYS C 80 8.17 7.60 3.33
CA LYS C 80 8.79 7.44 2.01
C LYS C 80 10.32 7.33 1.99
N GLY C 81 10.97 7.22 3.13
CA GLY C 81 12.42 7.08 3.16
C GLY C 81 13.20 8.34 2.83
N ILE C 82 12.61 9.50 3.02
CA ILE C 82 13.29 10.76 2.77
C ILE C 82 13.63 11.42 4.09
N GLN C 83 14.89 11.87 4.20
CA GLN C 83 15.42 12.49 5.42
C GLN C 83 15.58 14.05 5.33
N LEU C 84 15.84 14.56 4.12
CA LEU C 84 16.04 16.03 3.92
C LEU C 84 14.88 16.71 3.21
N VAL C 85 14.39 17.81 3.77
CA VAL C 85 13.18 18.46 3.29
C VAL C 85 13.32 18.95 1.85
N PHE C 86 14.52 19.36 1.46
CA PHE C 86 14.68 19.81 0.08
C PHE C 86 14.63 18.64 -0.96
N LYS C 87 14.59 17.38 -0.49
CA LYS C 87 14.49 16.21 -1.42
C LYS C 87 13.06 15.63 -1.48
N TYR C 88 12.14 16.29 -0.81
CA TYR C 88 10.83 15.73 -0.59
C TYR C 88 9.81 16.35 -1.54
N ASP C 89 9.02 15.50 -2.20
CA ASP C 89 7.88 15.94 -2.95
C ASP C 89 6.61 15.83 -2.10
N GLU C 90 5.93 16.93 -1.97
CA GLU C 90 4.93 17.01 -0.94
C GLU C 90 3.82 16.00 -1.16
N GLY C 91 3.41 15.34 -0.08
CA GLY C 91 2.35 14.37 -0.15
C GLY C 91 0.97 14.88 0.18
N ASN C 92 0.07 13.95 0.49
CA ASN C 92 -1.32 14.25 0.67
C ASN C 92 -2.00 13.48 1.78
N ASP C 93 -1.60 12.25 2.08
CA ASP C 93 -2.24 11.57 3.21
C ASP C 93 -1.41 10.41 3.70
N LEU C 94 -1.78 9.91 4.88
CA LEU C 94 -1.05 8.91 5.64
C LEU C 94 -1.91 7.68 6.06
N ASP C 95 -1.31 6.50 6.08
CA ASP C 95 -2.02 5.33 6.59
C ASP C 95 -2.16 5.45 8.04
N PHE C 96 -2.90 4.56 8.66
CA PHE C 96 -3.11 4.71 10.10
C PHE C 96 -1.90 4.62 10.92
N ASP C 97 -0.96 3.74 10.56
CA ASP C 97 0.28 3.66 11.34
C ASP C 97 1.14 4.96 11.24
N ILE C 98 1.27 5.49 10.05
CA ILE C 98 2.02 6.72 9.92
C ILE C 98 1.25 7.93 10.58
N ALA C 99 -0.07 7.95 10.49
CA ALA C 99 -0.86 8.98 11.18
C ALA C 99 -0.56 8.93 12.66
N LEU C 100 -0.44 7.74 13.18
CA LEU C 100 -0.15 7.61 14.60
C LEU C 100 1.19 8.23 14.97
N TYR C 101 2.18 8.04 14.10
CA TYR C 101 3.44 8.71 14.29
C TYR C 101 3.34 10.22 14.25
N PHE C 102 2.50 10.71 13.34
CA PHE C 102 2.26 12.11 13.16
C PHE C 102 1.66 12.73 14.41
N TYR C 103 0.57 12.17 14.93
CA TYR C 103 -0.07 12.63 16.18
C TYR C 103 0.88 12.47 17.36
N GLU C 104 1.63 11.39 17.48
CA GLU C 104 2.53 11.28 18.62
C GLU C 104 3.65 12.35 18.55
N GLN C 105 4.16 12.63 17.36
CA GLN C 105 5.16 13.64 17.23
C GLN C 105 4.57 15.04 17.55
N LEU C 106 3.35 15.34 17.13
CA LEU C 106 2.72 16.61 17.49
C LEU C 106 2.72 16.74 18.97
N CYS C 107 2.28 15.68 19.68
CA CYS C 107 2.18 15.72 21.12
C CYS C 107 3.54 15.89 21.76
N LYS C 108 4.51 15.16 21.26
CA LYS C 108 5.82 15.32 21.76
C LYS C 108 6.35 16.74 21.56
N PHE C 109 6.13 17.31 20.39
CA PHE C 109 6.62 18.64 20.17
C PHE C 109 5.98 19.64 21.15
N CYS C 110 4.68 19.55 21.28
CA CYS C 110 3.89 20.44 22.13
C CYS C 110 4.20 20.25 23.64
N GLU C 111 4.64 19.06 24.04
CA GLU C 111 5.04 18.80 25.41
C GLU C 111 6.46 19.10 25.71
N ASP C 112 7.28 19.43 24.72
CA ASP C 112 8.65 19.79 25.00
C ASP C 112 8.69 21.21 25.64
N PRO C 113 9.36 21.37 26.80
CA PRO C 113 9.58 22.70 27.43
C PRO C 113 10.13 23.79 26.51
N LYS C 114 11.01 23.40 25.60
CA LYS C 114 11.53 24.34 24.63
C LYS C 114 10.46 24.92 23.74
N ASN C 115 9.27 24.33 23.72
CA ASN C 115 8.24 24.83 22.80
C ASN C 115 7.03 25.36 23.51
N LYS C 116 7.17 25.62 24.81
CA LYS C 116 6.05 26.12 25.64
C LYS C 116 5.25 27.30 25.02
N ASN C 117 5.92 28.14 24.26
CA ASN C 117 5.28 29.26 23.62
C ASN C 117 4.31 28.86 22.53
N TYR C 118 4.57 27.74 21.86
CA TYR C 118 3.60 27.22 20.89
C TYR C 118 2.42 26.70 21.67
N ALA C 119 2.67 25.98 22.76
CA ALA C 119 1.55 25.43 23.55
C ALA C 119 0.64 26.59 23.99
N THR C 120 1.23 27.57 24.69
CA THR C 120 0.48 28.66 25.29
C THR C 120 -0.14 29.66 24.29
N THR C 121 0.56 30.01 23.21
CA THR C 121 0.04 30.97 22.26
C THR C 121 -1.10 30.38 21.41
N TYR C 122 -1.15 29.04 21.28
CA TYR C 122 -2.12 28.36 20.40
C TYR C 122 -2.84 27.18 21.08
N PRO C 123 -3.65 27.47 22.07
CA PRO C 123 -4.29 26.44 22.92
C PRO C 123 -5.37 25.65 22.19
N ILE C 124 -6.01 26.25 21.19
CA ILE C 124 -7.03 25.48 20.48
C ILE C 124 -6.42 24.55 19.41
N SER C 125 -5.16 24.79 19.06
CA SER C 125 -4.46 23.96 18.08
C SER C 125 -3.76 22.82 18.77
N GLN C 126 -3.98 22.68 20.06
CA GLN C 126 -3.20 21.71 20.82
C GLN C 126 -3.73 20.28 20.63
N PRO C 127 -2.83 19.32 20.40
CA PRO C 127 -3.26 17.93 20.25
C PRO C 127 -3.47 17.29 21.65
N GLN C 128 -4.10 16.12 21.67
CA GLN C 128 -4.33 15.34 22.87
C GLN C 128 -3.53 14.09 22.74
N MET C 129 -2.87 13.69 23.79
CA MET C 129 -2.22 12.41 23.81
C MET C 129 -3.24 11.31 23.89
N LEU C 130 -3.01 10.20 23.18
CA LEU C 130 -3.83 9.01 23.32
C LEU C 130 -2.97 7.77 23.28
N THR C 131 -3.47 6.64 23.78
CA THR C 131 -2.74 5.39 23.54
C THR C 131 -2.93 5.06 22.02
N ALA C 132 -2.19 4.09 21.54
CA ALA C 132 -2.31 3.62 20.15
C ALA C 132 -3.71 3.11 19.77
N LEU C 133 -4.26 2.30 20.63
CA LEU C 133 -5.59 1.77 20.44
C LEU C 133 -6.63 2.85 20.29
N LYS C 134 -6.57 3.78 21.24
CA LYS C 134 -7.52 4.88 21.29
C LYS C 134 -7.25 5.78 20.12
N ARG C 135 -5.97 5.93 19.75
CA ARG C 135 -5.70 6.78 18.58
C ARG C 135 -6.36 6.15 17.37
N LYS C 136 -6.05 4.88 17.09
CA LYS C 136 -6.64 4.24 15.90
C LYS C 136 -8.15 4.22 15.93
N GLN C 137 -8.71 4.01 17.10
CA GLN C 137 -10.16 4.13 17.19
C GLN C 137 -10.67 5.51 16.77
N GLU C 138 -10.02 6.58 17.24
CA GLU C 138 -10.48 7.90 16.90
C GLU C 138 -10.25 8.16 15.43
N LEU C 139 -9.17 7.60 14.86
CA LEU C 139 -8.95 7.85 13.41
C LEU C 139 -10.13 7.30 12.63
N ARG C 140 -10.53 6.10 13.03
CA ARG C 140 -11.53 5.31 12.39
C ARG C 140 -12.92 5.88 12.63
N GLU C 141 -13.22 6.17 13.90
CA GLU C 141 -14.53 6.74 14.27
C GLU C 141 -14.77 8.20 13.88
N LYS C 142 -13.74 9.05 14.02
CA LYS C 142 -13.87 10.49 13.79
C LYS C 142 -13.03 11.07 12.65
N VAL C 143 -11.76 10.71 12.53
CA VAL C 143 -10.91 11.54 11.63
C VAL C 143 -11.08 11.19 10.16
N ASP C 144 -11.19 9.89 9.91
CA ASP C 144 -11.24 9.38 8.53
C ASP C 144 -12.69 9.39 8.00
N VAL C 145 -13.03 10.58 7.56
CA VAL C 145 -14.31 11.07 7.13
C VAL C 145 -14.78 10.47 5.81
N ASN C 146 -13.83 10.18 4.89
CA ASN C 146 -14.18 9.49 3.63
C ASN C 146 -13.90 7.97 3.63
N PHE C 147 -13.66 7.39 4.81
CA PHE C 147 -13.50 5.98 4.99
C PHE C 147 -12.52 5.36 4.05
N ASP C 148 -11.39 6.01 3.85
CA ASP C 148 -10.38 5.40 2.96
C ASP C 148 -9.15 4.85 3.67
N GLY C 149 -9.16 4.75 4.99
CA GLY C 149 -8.01 4.23 5.68
C GLY C 149 -6.77 5.10 5.76
N ARG C 150 -6.94 6.36 5.34
CA ARG C 150 -5.93 7.36 5.26
C ARG C 150 -6.36 8.66 6.01
N VAL C 151 -5.35 9.35 6.56
CA VAL C 151 -5.54 10.63 7.21
C VAL C 151 -4.89 11.73 6.41
N SER C 152 -5.70 12.68 5.94
CA SER C 152 -5.18 13.78 5.15
C SER C 152 -4.88 14.94 6.11
N PHE C 153 -4.13 15.91 5.65
CA PHE C 153 -3.99 17.13 6.48
C PHE C 153 -5.37 17.77 6.73
N LEU C 154 -6.20 17.82 5.70
CA LEU C 154 -7.56 18.37 5.80
C LEU C 154 -8.37 17.70 6.88
N GLU C 155 -8.27 16.37 6.93
CA GLU C 155 -8.93 15.60 7.98
C GLU C 155 -8.43 15.87 9.34
N TYR C 156 -7.11 16.04 9.46
CA TYR C 156 -6.54 16.35 10.78
C TYR C 156 -7.04 17.76 11.27
N LEU C 157 -7.05 18.69 10.35
CA LEU C 157 -7.47 20.07 10.59
C LEU C 157 -8.94 20.14 11.00
N LEU C 158 -9.81 19.57 10.15
CA LEU C 158 -11.25 19.55 10.45
C LEU C 158 -11.57 19.01 11.84
N TYR C 159 -10.84 17.99 12.26
CA TYR C 159 -11.13 17.36 13.55
C TYR C 159 -10.49 18.08 14.74
N GLN C 160 -9.31 18.65 14.51
CA GLN C 160 -8.64 19.42 15.54
C GLN C 160 -9.50 20.65 15.91
N TYR C 161 -10.04 21.31 14.90
CA TYR C 161 -10.84 22.51 15.06
C TYR C 161 -12.33 22.24 14.95
N LYS C 162 -12.77 21.07 15.40
CA LYS C 162 -14.14 20.63 15.18
C LYS C 162 -15.18 21.51 15.89
N ASP C 163 -14.76 22.19 16.95
CA ASP C 163 -15.59 23.22 17.61
C ASP C 163 -16.29 24.15 16.64
N PHE C 164 -15.67 24.52 15.54
CA PHE C 164 -16.33 25.36 14.57
C PHE C 164 -16.29 24.83 13.13
N ALA C 165 -15.62 23.71 12.89
CA ALA C 165 -15.50 23.20 11.56
C ALA C 165 -15.97 21.74 11.52
N ASN C 166 -16.56 21.34 10.41
CA ASN C 166 -16.97 19.97 10.17
C ASN C 166 -16.95 19.81 8.64
N PRO C 167 -17.02 18.57 8.17
CA PRO C 167 -16.79 18.32 6.76
C PRO C 167 -17.81 18.93 5.81
N ALA C 168 -19.08 18.78 6.15
CA ALA C 168 -20.20 19.38 5.37
C ALA C 168 -20.05 20.86 5.23
N ASP C 169 -19.89 21.49 6.39
CA ASP C 169 -19.73 22.94 6.49
C ASP C 169 -18.54 23.36 5.64
N PHE C 170 -17.43 22.59 5.75
CA PHE C 170 -16.24 22.88 4.94
C PHE C 170 -16.57 22.89 3.43
N CYS C 171 -17.27 21.85 3.00
CA CYS C 171 -17.52 21.74 1.55
C CYS C 171 -18.41 22.90 1.13
N THR C 172 -19.36 23.22 2.02
CA THR C 172 -20.28 24.35 1.76
C THR C 172 -19.44 25.60 1.57
N ARG C 173 -18.57 25.85 2.55
CA ARG C 173 -17.72 27.03 2.51
C ARG C 173 -16.79 27.00 1.33
N SER C 174 -16.29 25.83 0.88
CA SER C 174 -15.15 25.83 -0.09
C SER C 174 -15.52 25.61 -1.54
N MET C 175 -16.63 24.92 -1.78
CA MET C 175 -16.99 24.55 -3.16
C MET C 175 -17.22 25.76 -3.99
N ASN C 176 -17.49 26.90 -3.37
CA ASN C 176 -17.81 28.07 -4.14
C ASN C 176 -16.66 29.04 -4.17
N HIS C 177 -15.49 28.64 -3.71
CA HIS C 177 -14.39 29.55 -3.77
C HIS C 177 -13.41 29.10 -4.82
N ASP C 178 -13.07 29.98 -5.72
CA ASP C 178 -12.06 29.67 -6.74
C ASP C 178 -10.76 30.46 -6.52
N GLU C 179 -9.65 29.84 -6.94
CA GLU C 179 -8.33 30.41 -6.84
C GLU C 179 -8.16 31.32 -8.02
N HIS C 180 -8.06 32.63 -7.75
CA HIS C 180 -7.88 33.59 -8.81
C HIS C 180 -6.49 33.43 -9.45
N PRO C 181 -6.38 33.72 -10.72
CA PRO C 181 -5.17 33.40 -11.43
C PRO C 181 -3.93 34.09 -10.90
N GLU C 182 -4.05 35.29 -10.33
CA GLU C 182 -2.84 35.97 -9.88
C GLU C 182 -2.26 35.21 -8.66
N ILE C 183 -3.15 34.63 -7.88
CA ILE C 183 -2.81 33.84 -6.73
C ILE C 183 -2.16 32.50 -7.12
N LYS C 184 -2.72 31.81 -8.11
CA LYS C 184 -2.13 30.60 -8.63
C LYS C 184 -0.73 30.90 -9.18
N LYS C 185 -0.58 32.02 -9.88
CA LYS C 185 0.71 32.47 -10.40
C LYS C 185 1.71 32.54 -9.24
N ALA C 186 1.24 33.10 -8.13
CA ALA C 186 2.09 33.25 -6.97
C ALA C 186 2.47 31.89 -6.36
N ARG C 187 1.48 31.01 -6.18
CA ARG C 187 1.76 29.67 -5.66
C ARG C 187 2.80 28.95 -6.48
N LEU C 188 2.66 29.02 -7.80
CA LEU C 188 3.55 28.36 -8.67
C LEU C 188 4.88 29.02 -8.65
N ALA C 189 4.89 30.34 -8.52
CA ALA C 189 6.18 30.99 -8.46
C ALA C 189 6.97 30.53 -7.22
N LEU C 190 6.25 30.34 -6.11
CA LEU C 190 6.89 29.87 -4.91
C LEU C 190 7.37 28.41 -5.11
N GLU C 191 6.64 27.61 -5.84
CA GLU C 191 7.07 26.21 -6.06
C GLU C 191 8.32 26.27 -6.91
N GLU C 192 8.39 27.21 -7.84
CA GLU C 192 9.63 27.33 -8.59
C GLU C 192 10.85 27.59 -7.66
N VAL C 193 10.65 28.42 -6.64
CA VAL C 193 11.67 28.61 -5.59
C VAL C 193 12.06 27.25 -5.00
N ASN C 194 11.08 26.44 -4.62
CA ASN C 194 11.41 25.10 -4.13
C ASN C 194 12.28 24.31 -5.09
N LYS C 195 12.01 24.38 -6.39
CA LYS C 195 12.84 23.61 -7.31
C LYS C 195 14.27 24.15 -7.32
N ARG C 196 14.44 25.48 -7.25
CA ARG C 196 15.80 26.04 -7.21
C ARG C 196 16.52 25.79 -5.88
N ILE C 197 15.74 25.80 -4.79
CA ILE C 197 16.30 25.37 -3.52
C ILE C 197 16.90 23.96 -3.64
N ARG C 198 16.13 23.04 -4.20
CA ARG C 198 16.56 21.65 -4.29
C ARG C 198 17.85 21.58 -5.10
N ALA C 199 17.89 22.26 -6.24
CA ALA C 199 19.09 22.16 -7.05
C ALA C 199 20.31 22.64 -6.29
N TYR C 200 20.17 23.82 -5.66
CA TYR C 200 21.23 24.38 -4.79
C TYR C 200 21.67 23.50 -3.60
N GLU C 201 20.72 23.03 -2.81
CA GLU C 201 21.02 22.19 -1.68
C GLU C 201 21.64 20.88 -2.17
N GLU C 202 21.15 20.31 -3.28
CA GLU C 202 21.81 19.11 -3.80
C GLU C 202 23.28 19.34 -4.16
N GLU C 203 23.59 20.47 -4.77
CA GLU C 203 24.99 20.74 -5.11
C GLU C 203 25.82 21.02 -3.82
N LYS C 204 25.24 21.72 -2.87
CA LYS C 204 25.90 21.95 -1.56
C LYS C 204 26.23 20.63 -0.90
N ALA C 205 25.29 19.69 -0.89
CA ALA C 205 25.55 18.39 -0.29
C ALA C 205 26.61 17.58 -1.08
N ARG C 206 26.57 17.71 -2.41
CA ARG C 206 27.48 16.99 -3.29
C ARG C 206 28.89 17.54 -3.04
N LEU C 207 29.02 18.85 -2.93
CA LEU C 207 30.33 19.42 -2.64
C LEU C 207 30.80 19.09 -1.21
N THR C 208 29.86 19.13 -0.30
CA THR C 208 30.16 18.73 1.07
C THR C 208 30.77 17.37 1.09
N GLU C 209 30.15 16.41 0.42
CA GLU C 209 30.66 15.06 0.37
C GLU C 209 32.03 14.96 -0.30
N GLU C 210 32.14 15.60 -1.46
CA GLU C 210 33.39 15.73 -2.18
C GLU C 210 34.55 16.34 -1.32
N SER C 211 34.22 17.29 -0.44
CA SER C 211 35.25 17.94 0.37
C SER C 211 35.82 17.01 1.46
N LYS C 212 35.19 15.87 1.72
CA LYS C 212 35.75 14.76 2.52
C LYS C 212 37.06 14.27 2.03
N ILE C 213 37.25 14.31 0.71
CA ILE C 213 38.34 13.56 0.07
C ILE C 213 39.73 14.12 0.49
N PRO C 214 40.57 13.31 1.14
CA PRO C 214 41.73 13.88 1.83
C PRO C 214 42.74 14.69 1.04
N GLY C 215 42.96 14.37 -0.24
CA GLY C 215 44.01 15.07 -1.04
C GLY C 215 43.69 16.50 -1.45
N VAL C 216 44.22 16.90 -2.60
CA VAL C 216 43.99 18.25 -3.11
C VAL C 216 42.58 18.33 -3.73
N LYS C 217 41.99 17.17 -4.00
CA LYS C 217 40.64 17.16 -4.51
C LYS C 217 39.60 17.58 -3.45
N GLY C 218 39.84 17.24 -2.19
CA GLY C 218 38.99 17.77 -1.14
C GLY C 218 39.11 19.27 -1.08
N LEU C 219 40.35 19.75 -1.23
CA LEU C 219 40.64 21.21 -1.18
C LEU C 219 39.83 22.01 -2.24
N GLY C 220 39.76 21.47 -3.46
CA GLY C 220 39.00 22.08 -4.57
C GLY C 220 37.49 22.06 -4.28
N ALA C 221 36.98 20.89 -3.88
CA ALA C 221 35.58 20.79 -3.40
C ALA C 221 35.37 21.74 -2.23
N THR C 222 36.31 21.76 -1.26
CA THR C 222 36.17 22.62 -0.08
C THR C 222 35.98 24.06 -0.48
N ASN C 223 36.78 24.51 -1.45
CA ASN C 223 36.72 25.86 -1.96
C ASN C 223 35.46 26.18 -2.79
N MET C 224 35.06 25.24 -3.64
CA MET C 224 33.82 25.44 -4.37
C MET C 224 32.69 25.55 -3.34
N LEU C 225 32.70 24.73 -2.30
CA LEU C 225 31.65 24.80 -1.26
C LEU C 225 31.62 26.14 -0.58
N ALA C 226 32.81 26.64 -0.24
CA ALA C 226 32.93 27.95 0.39
C ALA C 226 32.43 29.08 -0.53
N GLN C 227 32.50 28.89 -1.84
CA GLN C 227 32.16 30.00 -2.77
C GLN C 227 30.76 29.92 -3.35
N ILE C 228 30.01 28.94 -2.89
CA ILE C 228 28.87 28.47 -3.60
C ILE C 228 27.81 29.53 -3.68
N ASP C 229 27.75 30.43 -2.69
CA ASP C 229 26.73 31.41 -2.71
C ASP C 229 26.94 32.48 -3.77
N SER C 230 28.11 32.52 -4.36
CA SER C 230 28.33 33.48 -5.46
C SER C 230 28.24 32.77 -6.80
N GLY C 231 27.88 31.47 -6.76
CA GLY C 231 27.66 30.67 -7.95
C GLY C 231 26.29 30.78 -8.63
N PRO C 232 26.16 30.09 -9.74
CA PRO C 232 24.96 30.38 -10.54
C PRO C 232 23.73 29.64 -10.06
N LEU C 233 23.86 28.48 -9.39
CA LEU C 233 22.67 27.85 -8.81
C LEU C 233 22.00 28.76 -7.80
N LYS C 234 22.82 29.35 -6.94
CA LYS C 234 22.32 30.30 -5.96
C LYS C 234 21.78 31.56 -6.63
N GLU C 235 22.43 32.02 -7.69
CA GLU C 235 21.91 33.14 -8.48
C GLU C 235 20.52 32.83 -9.03
N GLN C 236 20.38 31.66 -9.62
CA GLN C 236 19.08 31.26 -10.13
C GLN C 236 18.02 31.17 -9.05
N LEU C 237 18.39 30.68 -7.87
CA LEU C 237 17.49 30.66 -6.73
C LEU C 237 17.17 32.09 -6.28
N ASN C 238 18.17 32.99 -6.25
CA ASN C 238 17.86 34.41 -5.99
C ASN C 238 16.86 34.98 -6.98
N PHE C 239 17.01 34.68 -8.26
CA PHE C 239 16.05 35.21 -9.23
C PHE C 239 14.65 34.68 -8.93
N ALA C 240 14.59 33.38 -8.63
CA ALA C 240 13.28 32.76 -8.38
C ALA C 240 12.64 33.41 -7.20
N LEU C 241 13.46 33.68 -6.21
CA LEU C 241 12.94 34.24 -4.98
C LEU C 241 12.34 35.64 -5.23
N ILE C 242 13.06 36.42 -6.02
CA ILE C 242 12.63 37.79 -6.33
C ILE C 242 11.39 37.78 -7.18
N SER C 243 11.34 36.87 -8.14
CA SER C 243 10.11 36.71 -8.99
C SER C 243 8.97 36.27 -8.14
N ALA C 244 9.19 35.34 -7.22
CA ALA C 244 8.10 34.98 -6.30
C ALA C 244 7.68 36.17 -5.45
N GLU C 245 8.65 36.97 -5.03
CA GLU C 245 8.27 38.13 -4.27
C GLU C 245 7.38 39.10 -5.05
N ALA C 246 7.74 39.49 -6.28
CA ALA C 246 6.79 40.28 -7.18
C ALA C 246 5.42 39.66 -7.36
N ALA C 247 5.42 38.37 -7.72
CA ALA C 247 4.16 37.64 -7.91
C ALA C 247 3.32 37.66 -6.63
N VAL C 248 3.97 37.43 -5.49
CA VAL C 248 3.18 37.46 -4.24
C VAL C 248 2.64 38.90 -3.93
N ARG C 249 3.44 39.92 -4.26
CA ARG C 249 3.00 41.31 -3.99
C ARG C 249 1.75 41.60 -4.81
N THR C 250 1.81 41.29 -6.11
CA THR C 250 0.70 41.48 -7.02
C THR C 250 -0.56 40.83 -6.45
N ALA C 251 -0.49 39.57 -6.13
CA ALA C 251 -1.66 38.87 -5.58
C ALA C 251 -2.19 39.53 -4.31
N SER C 252 -1.29 39.76 -3.41
CA SER C 252 -1.64 40.33 -2.11
C SER C 252 -2.25 41.74 -2.19
N LYS C 253 -1.74 42.57 -3.10
CA LYS C 253 -2.25 43.93 -3.31
C LYS C 253 -3.65 43.90 -3.85
N LYS C 254 -3.89 43.03 -4.80
CA LYS C 254 -5.25 42.85 -5.27
C LYS C 254 -6.24 42.23 -4.30
N TYR C 255 -5.86 41.24 -3.51
CA TYR C 255 -6.90 40.53 -2.73
C TYR C 255 -6.68 40.60 -1.26
N GLY C 256 -5.55 41.15 -0.84
CA GLY C 256 -5.25 41.29 0.56
C GLY C 256 -6.08 42.38 1.18
N GLY C 270 -12.89 34.84 -3.71
CA GLY C 270 -12.62 35.51 -2.43
C GLY C 270 -13.54 35.01 -1.31
N SER C 271 -13.17 35.24 -0.05
CA SER C 271 -11.88 35.80 0.24
C SER C 271 -10.82 34.66 0.16
N SER C 272 -9.62 35.10 -0.15
CA SER C 272 -8.48 34.31 -0.35
C SER C 272 -7.53 34.66 0.80
N ALA C 273 -8.07 34.98 1.97
CA ALA C 273 -7.27 35.42 3.10
C ALA C 273 -6.24 34.35 3.51
N GLY C 274 -6.65 33.06 3.53
CA GLY C 274 -5.73 31.93 3.82
C GLY C 274 -4.57 31.91 2.85
N ALA C 275 -4.92 32.01 1.61
CA ALA C 275 -3.98 31.85 0.55
C ALA C 275 -2.99 32.98 0.58
N ILE C 276 -3.53 34.19 0.78
CA ILE C 276 -2.71 35.34 0.91
C ILE C 276 -1.85 35.23 2.14
N TRP C 277 -2.41 34.87 3.28
CA TRP C 277 -1.51 34.66 4.44
C TRP C 277 -0.39 33.60 4.11
N TRP C 278 -0.78 32.49 3.47
CA TRP C 278 0.12 31.33 3.33
C TRP C 278 1.29 31.70 2.41
N MET C 279 1.02 32.40 1.32
CA MET C 279 2.08 32.72 0.39
C MET C 279 3.09 33.68 0.97
N ASN C 280 2.59 34.66 1.73
CA ASN C 280 3.48 35.64 2.34
C ASN C 280 4.34 34.99 3.42
N ARG C 281 3.72 34.12 4.20
CA ARG C 281 4.43 33.42 5.25
C ARG C 281 5.51 32.53 4.70
N ASP C 282 5.18 31.82 3.63
CA ASP C 282 6.11 30.96 2.95
C ASP C 282 7.25 31.74 2.26
N LEU C 283 6.90 32.79 1.56
CA LEU C 283 7.91 33.76 1.07
C LEU C 283 8.86 34.22 2.22
N GLU C 284 8.32 34.55 3.38
CA GLU C 284 9.13 35.12 4.46
C GLU C 284 10.14 34.07 4.88
N GLU C 285 9.65 32.86 5.01
CA GLU C 285 10.49 31.73 5.32
C GLU C 285 11.60 31.54 4.36
N LYS C 286 11.25 31.51 3.08
CA LYS C 286 12.25 31.38 2.01
C LYS C 286 13.28 32.52 2.07
N LYS C 287 12.84 33.77 2.27
CA LYS C 287 13.76 34.93 2.44
C LYS C 287 14.67 34.82 3.63
N LYS C 288 14.12 34.39 4.73
CA LYS C 288 14.94 34.22 5.87
C LYS C 288 16.04 33.16 5.65
N ARG C 289 15.75 32.04 5.01
CA ARG C 289 16.76 31.05 4.82
C ARG C 289 17.69 31.29 3.58
N TYR C 290 17.21 31.97 2.57
CA TYR C 290 17.93 32.02 1.27
C TYR C 290 18.14 33.41 0.68
N GLY C 291 17.42 34.38 1.24
CA GLY C 291 17.68 35.80 1.05
C GLY C 291 19.00 36.28 1.67
N PRO C 292 19.21 37.59 1.67
CA PRO C 292 20.35 38.18 2.32
C PRO C 292 20.48 37.66 3.78
N GLN C 293 21.67 37.24 4.16
CA GLN C 293 21.91 36.60 5.46
C GLN C 293 22.69 37.48 6.43
N LYS C 294 23.44 38.43 5.91
CA LYS C 294 24.36 39.18 6.73
C LYS C 294 23.67 40.39 7.28
N LYS C 295 23.97 40.71 8.54
CA LYS C 295 23.31 41.82 9.26
C LYS C 295 24.32 42.94 9.51
#